data_9C05
# 
_entry.id   9C05 
# 
_audit_conform.dict_name       mmcif_pdbx.dic 
_audit_conform.dict_version    5.407 
_audit_conform.dict_location   http://mmcif.pdb.org/dictionaries/ascii/mmcif_pdbx.dic 
# 
loop_
_database_2.database_id 
_database_2.database_code 
_database_2.pdbx_database_accession 
_database_2.pdbx_DOI 
PDB   9C05         pdb_00009c05 10.2210/pdb9c05/pdb 
WWPDB D_1000284381 ?            ?                   
# 
_pdbx_audit_revision_history.ordinal             1 
_pdbx_audit_revision_history.data_content_type   'Structure model' 
_pdbx_audit_revision_history.major_revision      1 
_pdbx_audit_revision_history.minor_revision      0 
_pdbx_audit_revision_history.revision_date       2025-11-26 
_pdbx_audit_revision_history.part_number         ? 
# 
_pdbx_audit_revision_details.ordinal             1 
_pdbx_audit_revision_details.revision_ordinal    1 
_pdbx_audit_revision_details.data_content_type   'Structure model' 
_pdbx_audit_revision_details.provider            repository 
_pdbx_audit_revision_details.type                'Initial release' 
_pdbx_audit_revision_details.description         ? 
_pdbx_audit_revision_details.details             ? 
# 
_pdbx_database_status.status_code                     REL 
_pdbx_database_status.status_code_sf                  REL 
_pdbx_database_status.status_code_mr                  ? 
_pdbx_database_status.entry_id                        9C05 
_pdbx_database_status.recvd_initial_deposition_date   2024-05-24 
_pdbx_database_status.SG_entry                        N 
_pdbx_database_status.deposit_site                    RCSB 
_pdbx_database_status.process_site                    RCSB 
_pdbx_database_status.status_code_cs                  ? 
_pdbx_database_status.status_code_nmr_data            ? 
_pdbx_database_status.methods_development_category    ? 
_pdbx_database_status.pdb_format_compatible           Y 
# 
_pdbx_contact_author.id                 2 
_pdbx_contact_author.email              andyn@uic.edu 
_pdbx_contact_author.name_first         Andy 
_pdbx_contact_author.name_last          Nguyen 
_pdbx_contact_author.name_mi            I 
_pdbx_contact_author.role               'principal investigator/group leader' 
_pdbx_contact_author.identifier_ORCID   0000-0003-4137-6453 
# 
_audit_author.name               'Heinz-Kunert, S.L.' 
_audit_author.pdbx_ordinal       1 
_audit_author.identifier_ORCID   0009-0002-5884-1294 
# 
_citation.abstract                  ? 
_citation.abstract_id_CAS           ? 
_citation.book_id_ISBN              ? 
_citation.book_publisher            ? 
_citation.book_publisher_city       ? 
_citation.book_title                ? 
_citation.coordinate_linkage        ? 
_citation.country                   ? 
_citation.database_id_Medline       ? 
_citation.details                   ? 
_citation.id                        primary 
_citation.journal_abbrev            'To Be Published' 
_citation.journal_id_ASTM           ? 
_citation.journal_id_CSD            0353 
_citation.journal_id_ISSN           ? 
_citation.journal_full              ? 
_citation.journal_issue             ? 
_citation.journal_volume            ? 
_citation.language                  ? 
_citation.page_first                ? 
_citation.page_last                 ? 
_citation.title                     'Evolvable conformational diversity in assemblies of short peptides' 
_citation.year                      ? 
_citation.database_id_CSD           ? 
_citation.pdbx_database_id_DOI      ? 
_citation.pdbx_database_id_PubMed   ? 
_citation.pdbx_database_id_patent   ? 
_citation.unpublished_flag          ? 
# 
loop_
_citation_author.citation_id 
_citation_author.name 
_citation_author.ordinal 
_citation_author.identifier_ORCID 
primary 'Heinz-Kunert, S.L.' 1 0009-0002-5884-1294 
primary 'Nguyen, A.I.'       2 0000-0003-4137-6453 
# 
loop_
_entity.id 
_entity.type 
_entity.src_method 
_entity.pdbx_description 
_entity.formula_weight 
_entity.pdbx_number_of_molecules 
_entity.pdbx_ec 
_entity.pdbx_mutation 
_entity.pdbx_fragment 
_entity.details 
1 polymer     syn UIC-1                                                   897.114 1 ? ? ? ? 
2 non-polymer syn "5'-(hydrazinecarbonyl)[2,2'-bipyridine]-5-carboxamide" 257.248 1 ? ? ? ? 
3 non-polymer syn 
;ethyl 5'-formyl[2,2'-bipyridine]-5-carboxylate
;
272.256 1 ? ? ? ? 
4 non-polymer syn PHENYLETHANE                                            106.165 2 ? ? ? ? 
5 non-polymer syn BENZENE                                                 78.112  1 ? ? ? ? 
6 non-polymer syn '5-METHYL-2-(1-METHYLETHYL)PHENOL'                      150.218 1 ? ? ? ? 
7 non-polymer syn ORTHO-XYLENE                                            106.165 1 ? ? ? ? 
8 water       nat water                                                   18.015  2 ? ? ? ? 
# 
_entity_poly.entity_id                      1 
_entity_poly.type                           'polypeptide(L)' 
_entity_poly.nstd_linkage                   no 
_entity_poly.nstd_monomer                   yes 
_entity_poly.pdbx_seq_one_letter_code       'L(AIB)A(AIB)L(AIB)Q(AIB)L' 
_entity_poly.pdbx_seq_one_letter_code_can   LAAALAQAL 
_entity_poly.pdbx_strand_id                 A 
_entity_poly.pdbx_target_identifier         ? 
# 
loop_
_pdbx_entity_nonpoly.entity_id 
_pdbx_entity_nonpoly.name 
_pdbx_entity_nonpoly.comp_id 
2 "5'-(hydrazinecarbonyl)[2,2'-bipyridine]-5-carboxamide" I77 
3 
;ethyl 5'-formyl[2,2'-bipyridine]-5-carboxylate
;
I6W 
4 PHENYLETHANE                                            PYJ 
5 BENZENE                                                 BNZ 
6 '5-METHYL-2-(1-METHYLETHYL)PHENOL'                      IPB 
7 ORTHO-XYLENE                                            OXE 
8 water                                                   HOH 
# 
loop_
_entity_poly_seq.entity_id 
_entity_poly_seq.num 
_entity_poly_seq.mon_id 
_entity_poly_seq.hetero 
1 1 LEU n 
1 2 AIB n 
1 3 ALA n 
1 4 AIB n 
1 5 LEU n 
1 6 AIB n 
1 7 GLN n 
1 8 AIB n 
1 9 LEU n 
# 
_pdbx_entity_src_syn.entity_id              1 
_pdbx_entity_src_syn.pdbx_src_id            1 
_pdbx_entity_src_syn.pdbx_alt_source_flag   sample 
_pdbx_entity_src_syn.pdbx_beg_seq_num       1 
_pdbx_entity_src_syn.pdbx_end_seq_num       9 
_pdbx_entity_src_syn.organism_scientific    'synthetic construct' 
_pdbx_entity_src_syn.organism_common_name   ? 
_pdbx_entity_src_syn.ncbi_taxonomy_id       32630 
_pdbx_entity_src_syn.details                ? 
# 
loop_
_chem_comp.id 
_chem_comp.type 
_chem_comp.mon_nstd_flag 
_chem_comp.name 
_chem_comp.pdbx_synonyms 
_chem_comp.formula 
_chem_comp.formula_weight 
AIB 'L-peptide linking' n 'ALPHA-AMINOISOBUTYRIC ACID'                            ? 'C4 H9 N O2'    103.120 
ALA 'L-peptide linking' y ALANINE                                                 ? 'C3 H7 N O2'    89.093  
BNZ non-polymer         . BENZENE                                                 ? 'C6 H6'         78.112  
GLN 'L-peptide linking' y GLUTAMINE                                               ? 'C5 H10 N2 O3'  146.144 
HOH non-polymer         . WATER                                                   ? 'H2 O'          18.015  
I6W non-polymer         . 
;ethyl 5'-formyl[2,2'-bipyridine]-5-carboxylate
;
? 'C14 H12 N2 O4' 272.256 
I77 non-polymer         . "5'-(hydrazinecarbonyl)[2,2'-bipyridine]-5-carboxamide" ? 'C12 H11 N5 O2' 257.248 
IPB non-polymer         . '5-METHYL-2-(1-METHYLETHYL)PHENOL'                      ? 'C10 H14 O'     150.218 
LEU 'L-peptide linking' y LEUCINE                                                 ? 'C6 H13 N O2'   131.173 
OXE non-polymer         . ORTHO-XYLENE                                            ? 'C8 H10'        106.165 
PYJ non-polymer         . PHENYLETHANE                                            ? 'C8 H10'        106.165 
# 
loop_
_pdbx_poly_seq_scheme.asym_id 
_pdbx_poly_seq_scheme.entity_id 
_pdbx_poly_seq_scheme.seq_id 
_pdbx_poly_seq_scheme.mon_id 
_pdbx_poly_seq_scheme.ndb_seq_num 
_pdbx_poly_seq_scheme.pdb_seq_num 
_pdbx_poly_seq_scheme.auth_seq_num 
_pdbx_poly_seq_scheme.pdb_mon_id 
_pdbx_poly_seq_scheme.auth_mon_id 
_pdbx_poly_seq_scheme.pdb_strand_id 
_pdbx_poly_seq_scheme.pdb_ins_code 
_pdbx_poly_seq_scheme.hetero 
A 1 1 LEU 1 2  2  LEU LEU A . n 
A 1 2 AIB 2 3  3  AIB AIB A . n 
A 1 3 ALA 3 4  4  ALA ALA A . n 
A 1 4 AIB 4 5  5  AIB AIB A . n 
A 1 5 LEU 5 6  6  LEU LEU A . n 
A 1 6 AIB 6 7  7  AIB AIB A . n 
A 1 7 GLN 7 8  8  GLN GLN A . n 
A 1 8 AIB 8 9  9  AIB AIB A . n 
A 1 9 LEU 9 10 10 LEU LEU A . n 
# 
loop_
_pdbx_entity_instance_feature.ordinal 
_pdbx_entity_instance_feature.comp_id 
_pdbx_entity_instance_feature.asym_id 
_pdbx_entity_instance_feature.seq_num 
_pdbx_entity_instance_feature.auth_comp_id 
_pdbx_entity_instance_feature.auth_asym_id 
_pdbx_entity_instance_feature.auth_seq_num 
_pdbx_entity_instance_feature.feature_type 
_pdbx_entity_instance_feature.details 
1 I6W ? ? I6W ? ? 'SUBJECT OF INVESTIGATION' ? 
2 I77 ? ? I77 ? ? 'SUBJECT OF INVESTIGATION' ? 
3 IPB ? ? IPB ? ? 'SUBJECT OF INVESTIGATION' ? 
# 
loop_
_pdbx_nonpoly_scheme.asym_id 
_pdbx_nonpoly_scheme.entity_id 
_pdbx_nonpoly_scheme.mon_id 
_pdbx_nonpoly_scheme.ndb_seq_num 
_pdbx_nonpoly_scheme.pdb_seq_num 
_pdbx_nonpoly_scheme.auth_seq_num 
_pdbx_nonpoly_scheme.pdb_mon_id 
_pdbx_nonpoly_scheme.auth_mon_id 
_pdbx_nonpoly_scheme.pdb_strand_id 
_pdbx_nonpoly_scheme.pdb_ins_code 
B 2 I77 1 101 11 I77 BPH A . 
C 3 I6W 1 102 1  I6W BPE A . 
D 4 PYJ 1 103 3  PYJ PYJ A . 
E 5 BNZ 1 104 4  BNZ BNZ A . 
F 6 IPB 1 105 5  IPB IPB A . 
G 4 PYJ 1 106 6  PYJ PYJ A . 
H 7 OXE 1 107 7  OXE OXE A . 
I 8 HOH 1 201 1  HOH HOH A . 
I 8 HOH 2 202 2  HOH HOH A . 
# 
loop_
_pdbx_unobs_or_zero_occ_atoms.id 
_pdbx_unobs_or_zero_occ_atoms.PDB_model_num 
_pdbx_unobs_or_zero_occ_atoms.polymer_flag 
_pdbx_unobs_or_zero_occ_atoms.occupancy_flag 
_pdbx_unobs_or_zero_occ_atoms.auth_asym_id 
_pdbx_unobs_or_zero_occ_atoms.auth_comp_id 
_pdbx_unobs_or_zero_occ_atoms.auth_seq_id 
_pdbx_unobs_or_zero_occ_atoms.PDB_ins_code 
_pdbx_unobs_or_zero_occ_atoms.auth_atom_id 
_pdbx_unobs_or_zero_occ_atoms.label_alt_id 
_pdbx_unobs_or_zero_occ_atoms.label_asym_id 
_pdbx_unobs_or_zero_occ_atoms.label_comp_id 
_pdbx_unobs_or_zero_occ_atoms.label_seq_id 
_pdbx_unobs_or_zero_occ_atoms.label_atom_id 
1 1 N 1 A IPB 105 ? C7 ? F IPB 1 C7 
2 1 N 1 A IPB 105 ? O  ? F IPB 1 O  
# 
loop_
_software.citation_id 
_software.classification 
_software.compiler_name 
_software.compiler_version 
_software.contact_author 
_software.contact_author_email 
_software.date 
_software.description 
_software.dependencies 
_software.hardware 
_software.language 
_software.location 
_software.mods 
_software.name 
_software.os 
_software.os_version 
_software.type 
_software.version 
_software.pdbx_ordinal 
? refinement       ? ? ? ? ? ? ? ? ? ? ? PHENIX ? ? ? 1.20.1_4487 1 
? 'data reduction' ? ? ? ? ? ? ? ? ? ? ? XDS    ? ? ? .           2 
? 'data scaling'   ? ? ? ? ? ? ? ? ? ? ? XDS    ? ? ? .           3 
? phasing          ? ? ? ? ? ? ? ? ? ? ? PHASER ? ? ? .           4 
# 
_cell.angle_alpha                  90.000 
_cell.angle_alpha_esd              ? 
_cell.angle_beta                   90.730 
_cell.angle_beta_esd               ? 
_cell.angle_gamma                  90.000 
_cell.angle_gamma_esd              ? 
_cell.entry_id                     9C05 
_cell.details                      ? 
_cell.formula_units_Z              ? 
_cell.length_a                     13.853 
_cell.length_a_esd                 ? 
_cell.length_b                     13.330 
_cell.length_b_esd                 ? 
_cell.length_c                     28.670 
_cell.length_c_esd                 ? 
_cell.volume                       5293.787 
_cell.volume_esd                   ? 
_cell.Z_PDB                        2 
_cell.reciprocal_angle_alpha       ? 
_cell.reciprocal_angle_beta        ? 
_cell.reciprocal_angle_gamma       ? 
_cell.reciprocal_angle_alpha_esd   ? 
_cell.reciprocal_angle_beta_esd    ? 
_cell.reciprocal_angle_gamma_esd   ? 
_cell.reciprocal_length_a          ? 
_cell.reciprocal_length_b          ? 
_cell.reciprocal_length_c          ? 
_cell.reciprocal_length_a_esd      ? 
_cell.reciprocal_length_b_esd      ? 
_cell.reciprocal_length_c_esd      ? 
_cell.pdbx_unique_axis             ? 
_cell.pdbx_esd_method              ? 
# 
_symmetry.entry_id                         9C05 
_symmetry.cell_setting                     ? 
_symmetry.Int_Tables_number                4 
_symmetry.space_group_name_Hall            'P 2yb' 
_symmetry.space_group_name_H-M             'P 1 21 1' 
_symmetry.pdbx_full_space_group_name_H-M   ? 
# 
_exptl.absorpt_coefficient_mu     ? 
_exptl.absorpt_correction_T_max   ? 
_exptl.absorpt_correction_T_min   ? 
_exptl.absorpt_correction_type    ? 
_exptl.absorpt_process_details    ? 
_exptl.entry_id                   9C05 
_exptl.crystals_number            1 
_exptl.details                    ? 
_exptl.method                     'X-RAY DIFFRACTION' 
_exptl.method_details             ? 
# 
_exptl_crystal.colour                       ? 
_exptl_crystal.density_diffrn               ? 
_exptl_crystal.density_Matthews             1.50 
_exptl_crystal.density_method               ? 
_exptl_crystal.density_percent_sol          17.83 
_exptl_crystal.description                  ? 
_exptl_crystal.F_000                        ? 
_exptl_crystal.id                           1 
_exptl_crystal.preparation                  ? 
_exptl_crystal.size_max                     ? 
_exptl_crystal.size_mid                     ? 
_exptl_crystal.size_min                     ? 
_exptl_crystal.size_rad                     ? 
_exptl_crystal.colour_lustre                ? 
_exptl_crystal.colour_modifier              ? 
_exptl_crystal.colour_primary               ? 
_exptl_crystal.density_meas                 ? 
_exptl_crystal.density_meas_esd             ? 
_exptl_crystal.density_meas_gt              ? 
_exptl_crystal.density_meas_lt              ? 
_exptl_crystal.density_meas_temp            ? 
_exptl_crystal.density_meas_temp_esd        ? 
_exptl_crystal.density_meas_temp_gt         ? 
_exptl_crystal.density_meas_temp_lt         ? 
_exptl_crystal.pdbx_crystal_image_url       ? 
_exptl_crystal.pdbx_crystal_image_format    ? 
_exptl_crystal.pdbx_mosaicity               ? 
_exptl_crystal.pdbx_mosaicity_esd           ? 
_exptl_crystal.pdbx_mosaic_method           ? 
_exptl_crystal.pdbx_mosaic_block_size       ? 
_exptl_crystal.pdbx_mosaic_block_size_esd   ? 
# 
_exptl_crystal_grow.apparatus       ? 
_exptl_crystal_grow.atmosphere      ? 
_exptl_crystal_grow.crystal_id      1 
_exptl_crystal_grow.details         ? 
_exptl_crystal_grow.method          'SLOW COOLING' 
_exptl_crystal_grow.method_ref      ? 
_exptl_crystal_grow.pH              ? 
_exptl_crystal_grow.pressure        ? 
_exptl_crystal_grow.pressure_esd    ? 
_exptl_crystal_grow.seeding         ? 
_exptl_crystal_grow.seeding_ref     ? 
_exptl_crystal_grow.temp_details    ? 
_exptl_crystal_grow.temp_esd        ? 
_exptl_crystal_grow.time            ? 
_exptl_crystal_grow.pdbx_details    'acetonitrile, water' 
_exptl_crystal_grow.pdbx_pH_range   ? 
_exptl_crystal_grow.temp            298 
# 
_diffrn.ambient_environment              ? 
_diffrn.ambient_temp                     100 
_diffrn.ambient_temp_details             ? 
_diffrn.ambient_temp_esd                 ? 
_diffrn.crystal_id                       1 
_diffrn.crystal_support                  ? 
_diffrn.crystal_treatment                ? 
_diffrn.details                          ? 
_diffrn.id                               1 
_diffrn.ambient_pressure                 ? 
_diffrn.ambient_pressure_esd             ? 
_diffrn.ambient_pressure_gt              ? 
_diffrn.ambient_pressure_lt              ? 
_diffrn.ambient_temp_gt                  ? 
_diffrn.ambient_temp_lt                  ? 
_diffrn.pdbx_serial_crystal_experiment   N 
# 
_diffrn_detector.details                      ? 
_diffrn_detector.detector                     PIXEL 
_diffrn_detector.diffrn_id                    1 
_diffrn_detector.type                         'DECTRIS EIGER X 9M' 
_diffrn_detector.area_resol_mean              ? 
_diffrn_detector.dtime                        ? 
_diffrn_detector.pdbx_frames_total            ? 
_diffrn_detector.pdbx_collection_time_total   ? 
_diffrn_detector.pdbx_collection_date         2024-05-11 
_diffrn_detector.pdbx_frequency               ? 
_diffrn_detector.id                           ? 
_diffrn_detector.number_of_axes               ? 
# 
_diffrn_radiation.collimation                      ? 
_diffrn_radiation.diffrn_id                        1 
_diffrn_radiation.filter_edge                      ? 
_diffrn_radiation.inhomogeneity                    ? 
_diffrn_radiation.monochromator                    ? 
_diffrn_radiation.polarisn_norm                    ? 
_diffrn_radiation.polarisn_ratio                   ? 
_diffrn_radiation.probe                            ? 
_diffrn_radiation.type                             ? 
_diffrn_radiation.xray_symbol                      ? 
_diffrn_radiation.wavelength_id                    1 
_diffrn_radiation.pdbx_monochromatic_or_laue_m_l   M 
_diffrn_radiation.pdbx_wavelength_list             ? 
_diffrn_radiation.pdbx_wavelength                  ? 
_diffrn_radiation.pdbx_diffrn_protocol             'SINGLE WAVELENGTH' 
_diffrn_radiation.pdbx_analyzer                    ? 
_diffrn_radiation.pdbx_scattering_type             x-ray 
# 
_diffrn_radiation_wavelength.id           1 
_diffrn_radiation_wavelength.wavelength   0.688801 
_diffrn_radiation_wavelength.wt           1.0 
# 
_diffrn_source.current                     ? 
_diffrn_source.details                     ? 
_diffrn_source.diffrn_id                   1 
_diffrn_source.power                       ? 
_diffrn_source.size                        ? 
_diffrn_source.source                      SYNCHROTRON 
_diffrn_source.target                      ? 
_diffrn_source.type                        'MAX IV BEAMLINE BioMAX' 
_diffrn_source.voltage                     ? 
_diffrn_source.take-off_angle              ? 
_diffrn_source.pdbx_wavelength_list        0.688801 
_diffrn_source.pdbx_wavelength             ? 
_diffrn_source.pdbx_synchrotron_beamline   BioMAX 
_diffrn_source.pdbx_synchrotron_site       'MAX IV' 
# 
_reflns.B_iso_Wilson_estimate                          7.63 
_reflns.entry_id                                       9C05 
_reflns.data_reduction_details                         ? 
_reflns.data_reduction_method                          ? 
_reflns.d_resolution_high                              0.97 
_reflns.d_resolution_low                               12.09 
_reflns.details                                        ? 
_reflns.limit_h_max                                    ? 
_reflns.limit_h_min                                    ? 
_reflns.limit_k_max                                    ? 
_reflns.limit_k_min                                    ? 
_reflns.limit_l_max                                    ? 
_reflns.limit_l_min                                    ? 
_reflns.number_all                                     ? 
_reflns.number_obs                                     6310 
_reflns.observed_criterion                             ? 
_reflns.observed_criterion_F_max                       ? 
_reflns.observed_criterion_F_min                       ? 
_reflns.observed_criterion_I_max                       ? 
_reflns.observed_criterion_I_min                       ? 
_reflns.observed_criterion_sigma_F                     ? 
_reflns.observed_criterion_sigma_I                     ? 
_reflns.percent_possible_obs                           98.35 
_reflns.R_free_details                                 ? 
_reflns.Rmerge_F_all                                   ? 
_reflns.Rmerge_F_obs                                   ? 
_reflns.Friedel_coverage                               ? 
_reflns.number_gt                                      ? 
_reflns.threshold_expression                           ? 
_reflns.pdbx_redundancy                                6.5 
_reflns.pdbx_netI_over_av_sigmaI                       ? 
_reflns.pdbx_netI_over_sigmaI                          21.33 
_reflns.pdbx_res_netI_over_av_sigmaI_2                 ? 
_reflns.pdbx_res_netI_over_sigmaI_2                    ? 
_reflns.pdbx_chi_squared                               ? 
_reflns.pdbx_scaling_rejects                           ? 
_reflns.pdbx_d_res_high_opt                            ? 
_reflns.pdbx_d_res_low_opt                             ? 
_reflns.pdbx_d_res_opt_method                          ? 
_reflns.phase_calculation_details                      ? 
_reflns.pdbx_Rrim_I_all                                ? 
_reflns.pdbx_Rpim_I_all                                ? 
_reflns.pdbx_d_opt                                     ? 
_reflns.pdbx_number_measured_all                       ? 
_reflns.pdbx_diffrn_id                                 1 
_reflns.pdbx_ordinal                                   1 
_reflns.pdbx_CC_half                                   0.999 
_reflns.pdbx_CC_star                                   ? 
_reflns.pdbx_R_split                                   ? 
_reflns.pdbx_Rmerge_I_obs                              ? 
_reflns.pdbx_Rmerge_I_all                              ? 
_reflns.pdbx_Rsym_value                                ? 
_reflns.pdbx_CC_split_method                           ? 
_reflns.pdbx_aniso_diffraction_limit_axis_1_ortho[1]   ? 
_reflns.pdbx_aniso_diffraction_limit_axis_1_ortho[2]   ? 
_reflns.pdbx_aniso_diffraction_limit_axis_1_ortho[3]   ? 
_reflns.pdbx_aniso_diffraction_limit_axis_2_ortho[1]   ? 
_reflns.pdbx_aniso_diffraction_limit_axis_2_ortho[2]   ? 
_reflns.pdbx_aniso_diffraction_limit_axis_2_ortho[3]   ? 
_reflns.pdbx_aniso_diffraction_limit_axis_3_ortho[1]   ? 
_reflns.pdbx_aniso_diffraction_limit_axis_3_ortho[2]   ? 
_reflns.pdbx_aniso_diffraction_limit_axis_3_ortho[3]   ? 
_reflns.pdbx_aniso_diffraction_limit_1                 ? 
_reflns.pdbx_aniso_diffraction_limit_2                 ? 
_reflns.pdbx_aniso_diffraction_limit_3                 ? 
_reflns.pdbx_aniso_B_tensor_eigenvector_1_ortho[1]     ? 
_reflns.pdbx_aniso_B_tensor_eigenvector_1_ortho[2]     ? 
_reflns.pdbx_aniso_B_tensor_eigenvector_1_ortho[3]     ? 
_reflns.pdbx_aniso_B_tensor_eigenvector_2_ortho[1]     ? 
_reflns.pdbx_aniso_B_tensor_eigenvector_2_ortho[2]     ? 
_reflns.pdbx_aniso_B_tensor_eigenvector_2_ortho[3]     ? 
_reflns.pdbx_aniso_B_tensor_eigenvector_3_ortho[1]     ? 
_reflns.pdbx_aniso_B_tensor_eigenvector_3_ortho[2]     ? 
_reflns.pdbx_aniso_B_tensor_eigenvector_3_ortho[3]     ? 
_reflns.pdbx_aniso_B_tensor_eigenvalue_1               ? 
_reflns.pdbx_aniso_B_tensor_eigenvalue_2               ? 
_reflns.pdbx_aniso_B_tensor_eigenvalue_3               ? 
_reflns.pdbx_orthogonalization_convention              ? 
_reflns.pdbx_percent_possible_ellipsoidal              ? 
_reflns.pdbx_percent_possible_spherical                ? 
_reflns.pdbx_percent_possible_ellipsoidal_anomalous    ? 
_reflns.pdbx_percent_possible_spherical_anomalous      ? 
_reflns.pdbx_redundancy_anomalous                      ? 
_reflns.pdbx_CC_half_anomalous                         ? 
_reflns.pdbx_absDiff_over_sigma_anomalous              ? 
_reflns.pdbx_percent_possible_anomalous                ? 
_reflns.pdbx_observed_signal_threshold                 ? 
_reflns.pdbx_signal_type                               ? 
_reflns.pdbx_signal_details                            ? 
_reflns.pdbx_signal_software_id                        ? 
# 
_reflns_shell.d_res_high                                    0.97 
_reflns_shell.d_res_low                                     1.005 
_reflns_shell.meanI_over_sigI_all                           ? 
_reflns_shell.meanI_over_sigI_obs                           ? 
_reflns_shell.number_measured_all                           ? 
_reflns_shell.number_measured_obs                           ? 
_reflns_shell.number_possible                               ? 
_reflns_shell.number_unique_all                             ? 
_reflns_shell.number_unique_obs                             627 
_reflns_shell.percent_possible_obs                          ? 
_reflns_shell.Rmerge_F_all                                  ? 
_reflns_shell.Rmerge_F_obs                                  ? 
_reflns_shell.meanI_over_sigI_gt                            ? 
_reflns_shell.meanI_over_uI_all                             ? 
_reflns_shell.meanI_over_uI_gt                              ? 
_reflns_shell.number_measured_gt                            ? 
_reflns_shell.number_unique_gt                              ? 
_reflns_shell.percent_possible_gt                           ? 
_reflns_shell.Rmerge_F_gt                                   ? 
_reflns_shell.Rmerge_I_gt                                   ? 
_reflns_shell.pdbx_redundancy                               ? 
_reflns_shell.pdbx_chi_squared                              ? 
_reflns_shell.pdbx_netI_over_sigmaI_all                     ? 
_reflns_shell.pdbx_netI_over_sigmaI_obs                     ? 
_reflns_shell.pdbx_Rrim_I_all                               ? 
_reflns_shell.pdbx_Rpim_I_all                               ? 
_reflns_shell.pdbx_rejects                                  ? 
_reflns_shell.pdbx_ordinal                                  1 
_reflns_shell.pdbx_diffrn_id                                1 
_reflns_shell.pdbx_CC_half                                  0.968 
_reflns_shell.pdbx_CC_star                                  ? 
_reflns_shell.pdbx_R_split                                  ? 
_reflns_shell.percent_possible_all                          ? 
_reflns_shell.Rmerge_I_all                                  ? 
_reflns_shell.Rmerge_I_obs                                  ? 
_reflns_shell.pdbx_Rsym_value                               ? 
_reflns_shell.pdbx_percent_possible_ellipsoidal             ? 
_reflns_shell.pdbx_percent_possible_spherical               ? 
_reflns_shell.pdbx_percent_possible_ellipsoidal_anomalous   ? 
_reflns_shell.pdbx_percent_possible_spherical_anomalous     ? 
_reflns_shell.pdbx_redundancy_anomalous                     ? 
_reflns_shell.pdbx_CC_half_anomalous                        ? 
_reflns_shell.pdbx_absDiff_over_sigma_anomalous             ? 
_reflns_shell.pdbx_percent_possible_anomalous               ? 
# 
_refine.aniso_B[1][1]                            ? 
_refine.aniso_B[1][2]                            ? 
_refine.aniso_B[1][3]                            ? 
_refine.aniso_B[2][2]                            ? 
_refine.aniso_B[2][3]                            ? 
_refine.aniso_B[3][3]                            ? 
_refine.B_iso_max                                ? 
_refine.B_iso_mean                               12.87 
_refine.B_iso_min                                ? 
_refine.correlation_coeff_Fo_to_Fc               ? 
_refine.correlation_coeff_Fo_to_Fc_free          ? 
_refine.details                                  ? 
_refine.diff_density_max                         ? 
_refine.diff_density_max_esd                     ? 
_refine.diff_density_min                         ? 
_refine.diff_density_min_esd                     ? 
_refine.diff_density_rms                         ? 
_refine.diff_density_rms_esd                     ? 
_refine.entry_id                                 9C05 
_refine.pdbx_refine_id                           'X-RAY DIFFRACTION' 
_refine.ls_abs_structure_details                 ? 
_refine.ls_abs_structure_Flack                   ? 
_refine.ls_abs_structure_Flack_esd               ? 
_refine.ls_abs_structure_Rogers                  ? 
_refine.ls_abs_structure_Rogers_esd              ? 
_refine.ls_d_res_high                            0.97 
_refine.ls_d_res_low                             12.09 
_refine.ls_extinction_coef                       ? 
_refine.ls_extinction_coef_esd                   ? 
_refine.ls_extinction_expression                 ? 
_refine.ls_extinction_method                     ? 
_refine.ls_goodness_of_fit_all                   ? 
_refine.ls_goodness_of_fit_all_esd               ? 
_refine.ls_goodness_of_fit_obs                   ? 
_refine.ls_goodness_of_fit_obs_esd               ? 
_refine.ls_hydrogen_treatment                    ? 
_refine.ls_matrix_type                           ? 
_refine.ls_number_constraints                    ? 
_refine.ls_number_parameters                     ? 
_refine.ls_number_reflns_all                     ? 
_refine.ls_number_reflns_obs                     6310 
_refine.ls_number_reflns_R_free                  1165 
_refine.ls_number_reflns_R_work                  10713 
_refine.ls_number_restraints                     ? 
_refine.ls_percent_reflns_obs                    97.69 
_refine.ls_percent_reflns_R_free                 9.81 
_refine.ls_R_factor_all                          ? 
_refine.ls_R_factor_obs                          0.0991 
_refine.ls_R_factor_R_free                       0.1112 
_refine.ls_R_factor_R_free_error                 ? 
_refine.ls_R_factor_R_free_error_details         ? 
_refine.ls_R_factor_R_work                       0.0973 
_refine.ls_R_Fsqd_factor_obs                     ? 
_refine.ls_R_I_factor_obs                        ? 
_refine.ls_redundancy_reflns_all                 ? 
_refine.ls_redundancy_reflns_obs                 ? 
_refine.ls_restrained_S_all                      ? 
_refine.ls_restrained_S_obs                      ? 
_refine.ls_shift_over_esd_max                    ? 
_refine.ls_shift_over_esd_mean                   ? 
_refine.ls_structure_factor_coef                 ? 
_refine.ls_weighting_details                     ? 
_refine.ls_weighting_scheme                      ? 
_refine.ls_wR_factor_all                         ? 
_refine.ls_wR_factor_obs                         ? 
_refine.ls_wR_factor_R_free                      ? 
_refine.ls_wR_factor_R_work                      ? 
_refine.occupancy_max                            ? 
_refine.occupancy_min                            ? 
_refine.solvent_model_details                    'FLAT BULK SOLVENT MODEL' 
_refine.solvent_model_param_bsol                 ? 
_refine.solvent_model_param_ksol                 ? 
_refine.pdbx_R_complete                          ? 
_refine.ls_R_factor_gt                           ? 
_refine.ls_goodness_of_fit_gt                    ? 
_refine.ls_goodness_of_fit_ref                   ? 
_refine.ls_shift_over_su_max                     ? 
_refine.ls_shift_over_su_max_lt                  ? 
_refine.ls_shift_over_su_mean                    ? 
_refine.ls_shift_over_su_mean_lt                 ? 
_refine.pdbx_ls_sigma_I                          ? 
_refine.pdbx_ls_sigma_F                          1.38 
_refine.pdbx_ls_sigma_Fsqd                       ? 
_refine.pdbx_data_cutoff_high_absF               ? 
_refine.pdbx_data_cutoff_high_rms_absF           ? 
_refine.pdbx_data_cutoff_low_absF                ? 
_refine.pdbx_isotropic_thermal_model             ? 
_refine.pdbx_ls_cross_valid_method               'FREE R-VALUE' 
_refine.pdbx_method_to_determine_struct          'MOLECULAR REPLACEMENT' 
_refine.pdbx_starting_model                      ? 
_refine.pdbx_stereochemistry_target_values       'GeoStd + Monomer Library + CDL v1.2' 
_refine.pdbx_R_Free_selection_details            ? 
_refine.pdbx_stereochem_target_val_spec_case     ? 
_refine.pdbx_overall_ESU_R                       ? 
_refine.pdbx_overall_ESU_R_Free                  ? 
_refine.pdbx_solvent_vdw_probe_radii             1.1000 
_refine.pdbx_solvent_ion_probe_radii             ? 
_refine.pdbx_solvent_shrinkage_radii             0.9000 
_refine.pdbx_real_space_R                        ? 
_refine.pdbx_density_correlation                 ? 
_refine.pdbx_pd_number_of_powder_patterns        ? 
_refine.pdbx_pd_number_of_points                 ? 
_refine.pdbx_pd_meas_number_of_points            ? 
_refine.pdbx_pd_proc_ls_prof_R_factor            ? 
_refine.pdbx_pd_proc_ls_prof_wR_factor           ? 
_refine.pdbx_pd_Marquardt_correlation_coeff      ? 
_refine.pdbx_pd_Fsqrd_R_factor                   ? 
_refine.pdbx_pd_ls_matrix_band_width             ? 
_refine.pdbx_overall_phase_error                 15.7806 
_refine.pdbx_overall_SU_R_free_Cruickshank_DPI   ? 
_refine.pdbx_overall_SU_R_free_Blow_DPI          ? 
_refine.pdbx_overall_SU_R_Blow_DPI               ? 
_refine.pdbx_TLS_residual_ADP_flag               ? 
_refine.pdbx_diffrn_id                           1 
_refine.overall_SU_B                             ? 
_refine.overall_SU_ML                            0.0563 
_refine.overall_SU_R_Cruickshank_DPI             ? 
_refine.overall_SU_R_free                        ? 
_refine.overall_FOM_free_R_set                   ? 
_refine.overall_FOM_work_R_set                   ? 
_refine.pdbx_average_fsc_overall                 ? 
_refine.pdbx_average_fsc_work                    ? 
_refine.pdbx_average_fsc_free                    ? 
# 
_refine_hist.pdbx_refine_id                   'X-RAY DIFFRACTION' 
_refine_hist.cycle_id                         LAST 
_refine_hist.details                          ? 
_refine_hist.d_res_high                       0.97 
_refine_hist.d_res_low                        12.09 
_refine_hist.number_atoms_solvent             2 
_refine_hist.number_atoms_total               141 
_refine_hist.number_reflns_all                ? 
_refine_hist.number_reflns_obs                ? 
_refine_hist.number_reflns_R_free             ? 
_refine_hist.number_reflns_R_work             ? 
_refine_hist.R_factor_all                     ? 
_refine_hist.R_factor_obs                     ? 
_refine_hist.R_factor_R_free                  ? 
_refine_hist.R_factor_R_work                  ? 
_refine_hist.pdbx_number_residues_total       ? 
_refine_hist.pdbx_B_iso_mean_ligand           ? 
_refine_hist.pdbx_B_iso_mean_solvent          ? 
_refine_hist.pdbx_number_atoms_protein        81 
_refine_hist.pdbx_number_atoms_nucleic_acid   0 
_refine_hist.pdbx_number_atoms_ligand         58 
_refine_hist.pdbx_number_atoms_lipid          ? 
_refine_hist.pdbx_number_atoms_carb           ? 
_refine_hist.pdbx_pseudo_atom_details         ? 
# 
loop_
_refine_ls_restr.pdbx_refine_id 
_refine_ls_restr.criterion 
_refine_ls_restr.dev_ideal 
_refine_ls_restr.dev_ideal_target 
_refine_ls_restr.number 
_refine_ls_restr.rejects 
_refine_ls_restr.type 
_refine_ls_restr.weight 
_refine_ls_restr.pdbx_restraint_function 
'X-RAY DIFFRACTION' ? 0.0101  ? 196 ? f_bond_d           ? ? 
'X-RAY DIFFRACTION' ? 1.9829  ? 261 ? f_angle_d          ? ? 
'X-RAY DIFFRACTION' ? 0.0481  ? 10  ? f_chiral_restr     ? ? 
'X-RAY DIFFRACTION' ? 0.0073  ? 30  ? f_plane_restr      ? ? 
'X-RAY DIFFRACTION' ? 39.3190 ? 30  ? f_dihedral_angle_d ? ? 
# 
loop_
_refine_ls_shell.pdbx_refine_id 
_refine_ls_shell.d_res_high 
_refine_ls_shell.d_res_low 
_refine_ls_shell.number_reflns_all 
_refine_ls_shell.number_reflns_obs 
_refine_ls_shell.number_reflns_R_free 
_refine_ls_shell.number_reflns_R_work 
_refine_ls_shell.percent_reflns_obs 
_refine_ls_shell.percent_reflns_R_free 
_refine_ls_shell.R_factor_all 
_refine_ls_shell.R_factor_obs 
_refine_ls_shell.R_factor_R_free_error 
_refine_ls_shell.R_factor_R_work 
_refine_ls_shell.redundancy_reflns_all 
_refine_ls_shell.redundancy_reflns_obs 
_refine_ls_shell.wR_factor_all 
_refine_ls_shell.wR_factor_obs 
_refine_ls_shell.wR_factor_R_free 
_refine_ls_shell.wR_factor_R_work 
_refine_ls_shell.pdbx_R_complete 
_refine_ls_shell.pdbx_total_number_of_bins_used 
_refine_ls_shell.pdbx_phase_error 
_refine_ls_shell.pdbx_fsc_work 
_refine_ls_shell.pdbx_fsc_free 
_refine_ls_shell.R_factor_R_free 
'X-RAY DIFFRACTION' 0.97 1.01  . . 145 1350 97.46 . . . . 0.1501 . . . . . . . . . . . 0.1949 
'X-RAY DIFFRACTION' 1.01 1.07  . . 137 1371 98.63 . . . . 0.1185 . . . . . . . . . . . 0.1502 
'X-RAY DIFFRACTION' 1.07 1.13  . . 152 1335 98.87 . . . . 0.1081 . . . . . . . . . . . 0.1083 
'X-RAY DIFFRACTION' 1.13 1.22  . . 144 1353 98.62 . . . . 0.0923 . . . . . . . . . . . 0.1261 
'X-RAY DIFFRACTION' 1.22 1.34  . . 140 1336 97.49 . . . . .      . . . . . . . . . . . 0.0985 
'X-RAY DIFFRACTION' 1.34 1.54  . . 146 1359 99.21 . . . . 0.1010 . . . . . . . . . . . 0.1114 
'X-RAY DIFFRACTION' 1.54 1.94  . . 148 1306 94.91 . . . . 0.0950 . . . . . . . . . . . 0.0842 
'X-RAY DIFFRACTION' 1.94 12.09 . . 153 1303 96.62 . . . . 0.0869 . . . . . . . . . . . 0.1101 
# 
_struct.entry_id                     9C05 
_struct.title                        'UIC-1 soaked in equimolar benzene, toluene, isopropylbenzene, and ortho-xylene' 
_struct.pdbx_model_details           ? 
_struct.pdbx_formula_weight          ? 
_struct.pdbx_formula_weight_method   ? 
_struct.pdbx_model_type_details      ? 
_struct.pdbx_CASP_flag               N 
# 
_struct_keywords.entry_id        9C05 
_struct_keywords.text            'synthetic construct, DE NOVO PROTEIN' 
_struct_keywords.pdbx_keywords   'DE NOVO PROTEIN' 
# 
loop_
_struct_asym.id 
_struct_asym.pdbx_blank_PDB_chainid_flag 
_struct_asym.pdbx_modified 
_struct_asym.entity_id 
_struct_asym.details 
A N N 1 ? 
B N N 2 ? 
C N N 3 ? 
D N N 4 ? 
E N N 5 ? 
F N N 6 ? 
G N N 4 ? 
H N N 7 ? 
I N N 8 ? 
# 
_struct_ref.id                         1 
_struct_ref.db_name                    PDB 
_struct_ref.db_code                    9C05 
_struct_ref.pdbx_db_accession          9C05 
_struct_ref.pdbx_db_isoform            ? 
_struct_ref.entity_id                  1 
_struct_ref.pdbx_seq_one_letter_code   ? 
_struct_ref.pdbx_align_begin           1 
# 
_struct_ref_seq.align_id                      1 
_struct_ref_seq.ref_id                        1 
_struct_ref_seq.pdbx_PDB_id_code              9C05 
_struct_ref_seq.pdbx_strand_id                A 
_struct_ref_seq.seq_align_beg                 1 
_struct_ref_seq.pdbx_seq_align_beg_ins_code   ? 
_struct_ref_seq.seq_align_end                 9 
_struct_ref_seq.pdbx_seq_align_end_ins_code   ? 
_struct_ref_seq.pdbx_db_accession             9C05 
_struct_ref_seq.db_align_beg                  2 
_struct_ref_seq.pdbx_db_align_beg_ins_code    ? 
_struct_ref_seq.db_align_end                  10 
_struct_ref_seq.pdbx_db_align_end_ins_code    ? 
_struct_ref_seq.pdbx_auth_seq_align_beg       2 
_struct_ref_seq.pdbx_auth_seq_align_end       10 
# 
_pdbx_struct_assembly.id                   1 
_pdbx_struct_assembly.details              author_and_software_defined_assembly 
_pdbx_struct_assembly.method_details       PISA 
_pdbx_struct_assembly.oligomeric_details   monomeric 
_pdbx_struct_assembly.oligomeric_count     1 
# 
_pdbx_struct_assembly_gen.assembly_id       1 
_pdbx_struct_assembly_gen.oper_expression   1 
_pdbx_struct_assembly_gen.asym_id_list      A,B,C,D,E,F,G,H,I 
# 
_pdbx_struct_oper_list.id                   1 
_pdbx_struct_oper_list.type                 'identity operation' 
_pdbx_struct_oper_list.name                 1_555 
_pdbx_struct_oper_list.symmetry_operation   x,y,z 
_pdbx_struct_oper_list.matrix[1][1]         1.0000000000 
_pdbx_struct_oper_list.matrix[1][2]         0.0000000000 
_pdbx_struct_oper_list.matrix[1][3]         0.0000000000 
_pdbx_struct_oper_list.vector[1]            0.0000000000 
_pdbx_struct_oper_list.matrix[2][1]         0.0000000000 
_pdbx_struct_oper_list.matrix[2][2]         1.0000000000 
_pdbx_struct_oper_list.matrix[2][3]         0.0000000000 
_pdbx_struct_oper_list.vector[2]            0.0000000000 
_pdbx_struct_oper_list.matrix[3][1]         0.0000000000 
_pdbx_struct_oper_list.matrix[3][2]         0.0000000000 
_pdbx_struct_oper_list.matrix[3][3]         1.0000000000 
_pdbx_struct_oper_list.vector[3]            0.0000000000 
# 
_struct_conf.conf_type_id            HELX_P 
_struct_conf.id                      HELX_P1 
_struct_conf.pdbx_PDB_helix_id       AA1 
_struct_conf.beg_label_comp_id       LEU 
_struct_conf.beg_label_asym_id       A 
_struct_conf.beg_label_seq_id        1 
_struct_conf.pdbx_beg_PDB_ins_code   ? 
_struct_conf.end_label_comp_id       GLN 
_struct_conf.end_label_asym_id       A 
_struct_conf.end_label_seq_id        7 
_struct_conf.pdbx_end_PDB_ins_code   ? 
_struct_conf.beg_auth_comp_id        LEU 
_struct_conf.beg_auth_asym_id        A 
_struct_conf.beg_auth_seq_id         2 
_struct_conf.end_auth_comp_id        GLN 
_struct_conf.end_auth_asym_id        A 
_struct_conf.end_auth_seq_id         8 
_struct_conf.pdbx_PDB_helix_class    1 
_struct_conf.details                 ? 
_struct_conf.pdbx_PDB_helix_length   7 
# 
_struct_conf_type.id          HELX_P 
_struct_conf_type.criteria    ? 
_struct_conf_type.reference   ? 
# 
loop_
_struct_conn.id 
_struct_conn.conn_type_id 
_struct_conn.pdbx_leaving_atom_flag 
_struct_conn.pdbx_PDB_id 
_struct_conn.ptnr1_label_asym_id 
_struct_conn.ptnr1_label_comp_id 
_struct_conn.ptnr1_label_seq_id 
_struct_conn.ptnr1_label_atom_id 
_struct_conn.pdbx_ptnr1_label_alt_id 
_struct_conn.pdbx_ptnr1_PDB_ins_code 
_struct_conn.pdbx_ptnr1_standard_comp_id 
_struct_conn.ptnr1_symmetry 
_struct_conn.ptnr2_label_asym_id 
_struct_conn.ptnr2_label_comp_id 
_struct_conn.ptnr2_label_seq_id 
_struct_conn.ptnr2_label_atom_id 
_struct_conn.pdbx_ptnr2_label_alt_id 
_struct_conn.pdbx_ptnr2_PDB_ins_code 
_struct_conn.ptnr1_auth_asym_id 
_struct_conn.ptnr1_auth_comp_id 
_struct_conn.ptnr1_auth_seq_id 
_struct_conn.ptnr2_auth_asym_id 
_struct_conn.ptnr2_auth_comp_id 
_struct_conn.ptnr2_auth_seq_id 
_struct_conn.ptnr2_symmetry 
_struct_conn.pdbx_ptnr3_label_atom_id 
_struct_conn.pdbx_ptnr3_label_seq_id 
_struct_conn.pdbx_ptnr3_label_comp_id 
_struct_conn.pdbx_ptnr3_label_asym_id 
_struct_conn.pdbx_ptnr3_label_alt_id 
_struct_conn.pdbx_ptnr3_PDB_ins_code 
_struct_conn.details 
_struct_conn.pdbx_dist_value 
_struct_conn.pdbx_value_order 
_struct_conn.pdbx_role 
covale1  covale both ? A LEU 1 C ? ? ? 1_555 A AIB 2 N   ? ? A LEU 2  A AIB 3   1_555 ? ? ? ? ? ? ? 1.329 ? ? 
covale2  covale both ? A LEU 1 N ? ? ? 1_555 C I6W . C02 A ? A LEU 2  A I6W 102 1_555 ? ? ? ? ? ? ? 1.420 ? ? 
covale3  covale both ? A LEU 1 N ? ? ? 1_555 C I6W . C02 B ? A LEU 2  A I6W 102 1_555 ? ? ? ? ? ? ? 1.433 ? ? 
covale4  covale both ? A AIB 2 C ? ? ? 1_555 A ALA 3 N   ? ? A AIB 3  A ALA 4   1_555 ? ? ? ? ? ? ? 1.331 ? ? 
covale5  covale both ? A ALA 3 C ? ? ? 1_555 A AIB 4 N   ? ? A ALA 4  A AIB 5   1_555 ? ? ? ? ? ? ? 1.334 ? ? 
covale6  covale both ? A AIB 4 C ? ? ? 1_555 A LEU 5 N   ? ? A AIB 5  A LEU 6   1_555 ? ? ? ? ? ? ? 1.336 ? ? 
covale7  covale both ? A LEU 5 C ? ? ? 1_555 A AIB 6 N   ? ? A LEU 6  A AIB 7   1_555 ? ? ? ? ? ? ? 1.336 ? ? 
covale8  covale both ? A AIB 6 C ? ? ? 1_555 A GLN 7 N   ? ? A AIB 7  A GLN 8   1_555 ? ? ? ? ? ? ? 1.334 ? ? 
covale9  covale both ? A GLN 7 C ? ? ? 1_555 A AIB 8 N   ? ? A GLN 8  A AIB 9   1_555 ? ? ? ? ? ? ? 1.332 ? ? 
covale10 covale both ? A AIB 8 C ? ? ? 1_555 A LEU 9 N   A ? A AIB 9  A LEU 10  1_555 ? ? ? ? ? ? ? 1.338 ? ? 
covale11 covale both ? A AIB 8 C ? ? ? 1_555 A LEU 9 N   B ? A AIB 9  A LEU 10  1_555 ? ? ? ? ? ? ? 1.329 ? ? 
covale12 covale both ? A LEU 9 C A ? ? 1_555 B I77 . N15 A ? A LEU 10 A I77 101 1_555 ? ? ? ? ? ? ? 1.423 ? ? 
covale13 covale both ? A LEU 9 C B ? ? 1_555 B I77 . N15 B ? A LEU 10 A I77 101 1_555 ? ? ? ? ? ? ? 1.415 ? ? 
# 
_struct_conn_type.id          covale 
_struct_conn_type.criteria    ? 
_struct_conn_type.reference   ? 
# 
loop_
_pdbx_modification_feature.ordinal 
_pdbx_modification_feature.label_comp_id 
_pdbx_modification_feature.label_asym_id 
_pdbx_modification_feature.label_seq_id 
_pdbx_modification_feature.label_alt_id 
_pdbx_modification_feature.modified_residue_label_comp_id 
_pdbx_modification_feature.modified_residue_label_asym_id 
_pdbx_modification_feature.modified_residue_label_seq_id 
_pdbx_modification_feature.modified_residue_label_alt_id 
_pdbx_modification_feature.auth_comp_id 
_pdbx_modification_feature.auth_asym_id 
_pdbx_modification_feature.auth_seq_id 
_pdbx_modification_feature.PDB_ins_code 
_pdbx_modification_feature.symmetry 
_pdbx_modification_feature.modified_residue_auth_comp_id 
_pdbx_modification_feature.modified_residue_auth_asym_id 
_pdbx_modification_feature.modified_residue_auth_seq_id 
_pdbx_modification_feature.modified_residue_PDB_ins_code 
_pdbx_modification_feature.modified_residue_symmetry 
_pdbx_modification_feature.comp_id_linking_atom 
_pdbx_modification_feature.modified_residue_id_linking_atom 
_pdbx_modification_feature.modified_residue_id 
_pdbx_modification_feature.ref_pcm_id 
_pdbx_modification_feature.ref_comp_id 
_pdbx_modification_feature.type 
_pdbx_modification_feature.category 
1 AIB A 2 ? .   . . . AIB A 3   ? 1_555 .   . .  . .     .   . ALA 1 AIB Methylation 'Named protein modification'     
2 AIB A 4 ? .   . . . AIB A 5   ? 1_555 .   . .  . .     .   . ALA 1 AIB Methylation 'Named protein modification'     
3 AIB A 6 ? .   . . . AIB A 7   ? 1_555 .   . .  . .     .   . ALA 1 AIB Methylation 'Named protein modification'     
4 AIB A 8 ? .   . . . AIB A 9   ? 1_555 .   . .  . .     .   . ALA 1 AIB Methylation 'Named protein modification'     
5 I77 B . A LEU A 9 A I77 A 101 ? 1_555 LEU A 10 ? 1_555 N15 C LEU 1 I77 None        'Covalent chemical modification' 
6 I77 B . B LEU A 9 B I77 A 101 ? 1_555 LEU A 10 ? 1_555 N15 C LEU 1 I77 None        'Covalent chemical modification' 
7 I6W C . A LEU A 1 ? I6W A 102 ? 1_555 LEU A 2  ? 1_555 C02 N LEU 1 I6W None        'Covalent chemical modification' 
8 I6W C . B LEU A 1 ? I6W A 102 ? 1_555 LEU A 2  ? 1_555 C02 N LEU 1 I6W None        'Covalent chemical modification' 
# 
_pdbx_entry_details.entry_id                   9C05 
_pdbx_entry_details.has_ligand_of_interest     Y 
_pdbx_entry_details.compound_details           ? 
_pdbx_entry_details.source_details             ? 
_pdbx_entry_details.nonpolymer_details         ? 
_pdbx_entry_details.sequence_details           ? 
_pdbx_entry_details.has_protein_modification   Y 
# 
_pdbx_validate_close_contact.id               1 
_pdbx_validate_close_contact.PDB_model_num    1 
_pdbx_validate_close_contact.auth_atom_id_1   N 
_pdbx_validate_close_contact.auth_asym_id_1   A 
_pdbx_validate_close_contact.auth_comp_id_1   LEU 
_pdbx_validate_close_contact.auth_seq_id_1    2 
_pdbx_validate_close_contact.PDB_ins_code_1   ? 
_pdbx_validate_close_contact.label_alt_id_1   ? 
_pdbx_validate_close_contact.auth_atom_id_2   O01 
_pdbx_validate_close_contact.auth_asym_id_2   A 
_pdbx_validate_close_contact.auth_comp_id_2   I6W 
_pdbx_validate_close_contact.auth_seq_id_2    102 
_pdbx_validate_close_contact.PDB_ins_code_2   ? 
_pdbx_validate_close_contact.label_alt_id_2   B 
_pdbx_validate_close_contact.dist             2.06 
# 
loop_
_space_group_symop.id 
_space_group_symop.operation_xyz 
1 x,y,z       
2 -x,y+1/2,-z 
# 
loop_
_chem_comp_atom.comp_id 
_chem_comp_atom.atom_id 
_chem_comp_atom.type_symbol 
_chem_comp_atom.pdbx_aromatic_flag 
_chem_comp_atom.pdbx_stereo_config 
_chem_comp_atom.pdbx_ordinal 
AIB N      N N N 1   
AIB CA     C N N 2   
AIB C      C N N 3   
AIB O      O N N 4   
AIB OXT    O N N 5   
AIB CB1    C N N 6   
AIB CB2    C N N 7   
AIB H      H N N 8   
AIB H2     H N N 9   
AIB HXT    H N N 10  
AIB HB11   H N N 11  
AIB HB12   H N N 12  
AIB HB13   H N N 13  
AIB HB21   H N N 14  
AIB HB22   H N N 15  
AIB HB23   H N N 16  
ALA N      N N N 17  
ALA CA     C N S 18  
ALA C      C N N 19  
ALA O      O N N 20  
ALA CB     C N N 21  
ALA OXT    O N N 22  
ALA H      H N N 23  
ALA H2     H N N 24  
ALA HA     H N N 25  
ALA HB1    H N N 26  
ALA HB2    H N N 27  
ALA HB3    H N N 28  
ALA HXT    H N N 29  
BNZ C1     C Y N 30  
BNZ C2     C Y N 31  
BNZ C3     C Y N 32  
BNZ C4     C Y N 33  
BNZ C5     C Y N 34  
BNZ C6     C Y N 35  
BNZ H1     H N N 36  
BNZ H2     H N N 37  
BNZ H3     H N N 38  
BNZ H4     H N N 39  
BNZ H5     H N N 40  
BNZ H6     H N N 41  
GLN N      N N N 42  
GLN CA     C N S 43  
GLN C      C N N 44  
GLN O      O N N 45  
GLN CB     C N N 46  
GLN CG     C N N 47  
GLN CD     C N N 48  
GLN OE1    O N N 49  
GLN NE2    N N N 50  
GLN OXT    O N N 51  
GLN H      H N N 52  
GLN H2     H N N 53  
GLN HA     H N N 54  
GLN HB2    H N N 55  
GLN HB3    H N N 56  
GLN HG2    H N N 57  
GLN HG3    H N N 58  
GLN HE21   H N N 59  
GLN HE22   H N N 60  
GLN HXT    H N N 61  
HOH O      O N N 62  
HOH H1     H N N 63  
HOH H2     H N N 64  
I6W C05    C Y N 65  
I6W C08    C Y N 66  
I6W C09    C Y N 67  
I6W N10    N Y N 68  
I6W C02    C N N 69  
I6W C03    C Y N 70  
I6W C04    C Y N 71  
I6W C06    C Y N 72  
I6W C11    C Y N 73  
I6W C12    C Y N 74  
I6W C13    C N N 75  
I6W C15    C N N 76  
I6W C16    C N N 77  
I6W C18    C Y N 78  
I6W C19    C Y N 79  
I6W N07    N Y N 80  
I6W O01    O N N 81  
I6W O14    O N N 82  
I6W O17    O N N 83  
I6W H051   H N N 84  
I6W H041   H N N 85  
I6W H061   H N N 86  
I6W H111   H N N 87  
I6W H152   H N N 88  
I6W H151   H N N 89  
I6W H162   H N N 90  
I6W H163   H N N 91  
I6W H161   H N N 92  
I6W H181   H N N 93  
I6W H191   H N N 94  
I6W OXT    O N N 95  
I6W HXT    H N N 96  
I77 C11    C Y N 97  
I77 C12    C Y N 98  
I77 C13    C N N 99  
I77 C17    C Y N 100 
I77 C18    C Y N 101 
I77 C02    C N N 102 
I77 C03    C Y N 103 
I77 C04    C Y N 104 
I77 C05    C Y N 105 
I77 C06    C Y N 106 
I77 C08    C Y N 107 
I77 C09    C Y N 108 
I77 N01    N N N 109 
I77 N07    N Y N 110 
I77 N10    N Y N 111 
I77 N14    N N N 112 
I77 N15    N N N 113 
I77 O16    O N N 114 
I77 O19    O N N 115 
I77 H111   H N N 116 
I77 H171   H N N 117 
I77 H181   H N N 118 
I77 H041   H N N 119 
I77 H051   H N N 120 
I77 H061   H N N 121 
I77 H011   H N N 122 
I77 H012   H N N 123 
I77 H141   H N N 124 
I77 H1     H N N 125 
I77 H2     H N N 126 
IPB C4     C Y N 127 
IPB C5     C Y N 128 
IPB C6     C Y N 129 
IPB C1     C Y N 130 
IPB C2     C Y N 131 
IPB C3     C Y N 132 
IPB C8     C N N 133 
IPB C7     C N N 134 
IPB O      O N N 135 
IPB C9     C N N 136 
IPB C10    C N N 137 
IPB H5     H N N 138 
IPB H6     H N N 139 
IPB H2     H N N 140 
IPB H8     H N N 141 
IPB H73    H N N 142 
IPB H72    H N N 143 
IPB H71    H N N 144 
IPB H      H N N 145 
IPB H93    H N N 146 
IPB H92    H N N 147 
IPB H91    H N N 148 
IPB H103   H N N 149 
IPB H102   H N N 150 
IPB H101   H N N 151 
LEU N      N N N 152 
LEU CA     C N S 153 
LEU C      C N N 154 
LEU O      O N N 155 
LEU CB     C N N 156 
LEU CG     C N N 157 
LEU CD1    C N N 158 
LEU CD2    C N N 159 
LEU OXT    O N N 160 
LEU H      H N N 161 
LEU H2     H N N 162 
LEU HA     H N N 163 
LEU HB2    H N N 164 
LEU HB3    H N N 165 
LEU HG     H N N 166 
LEU HD11   H N N 167 
LEU HD12   H N N 168 
LEU HD13   H N N 169 
LEU HD21   H N N 170 
LEU HD22   H N N 171 
LEU HD23   H N N 172 
LEU HXT    H N N 173 
OXE C1     C Y N 174 
OXE C2     C Y N 175 
OXE C3     C Y N 176 
OXE C4     C Y N 177 
OXE C5     C Y N 178 
OXE C6     C Y N 179 
OXE "C1'"  C N N 180 
OXE "C2'"  C N N 181 
OXE H3     H N N 182 
OXE H4     H N N 183 
OXE H5     H N N 184 
OXE H6     H N N 185 
OXE "H1'1" H N N 186 
OXE "H1'2" H N N 187 
OXE "H1'3" H N N 188 
OXE "H2'1" H N N 189 
OXE "H2'2" H N N 190 
OXE "H2'3" H N N 191 
PYJ CB     C N N 192 
PYJ CX     C N N 193 
PYJ CG     C Y N 194 
PYJ CD1    C Y N 195 
PYJ CD2    C Y N 196 
PYJ CE1    C Y N 197 
PYJ CE2    C Y N 198 
PYJ CZ     C Y N 199 
PYJ HCB1   H N N 200 
PYJ HCB2   H N N 201 
PYJ HCX1   H N N 202 
PYJ HCX2   H N N 203 
PYJ HCX3   H N N 204 
PYJ HCD1   H N N 205 
PYJ HCD2   H N N 206 
PYJ HCE1   H N N 207 
PYJ HCE2   H N N 208 
PYJ HCZ1   H N N 209 
# 
loop_
_chem_comp_bond.comp_id 
_chem_comp_bond.atom_id_1 
_chem_comp_bond.atom_id_2 
_chem_comp_bond.value_order 
_chem_comp_bond.pdbx_aromatic_flag 
_chem_comp_bond.pdbx_stereo_config 
_chem_comp_bond.pdbx_ordinal 
AIB N     CA     sing N N 1   
AIB N     H      sing N N 2   
AIB N     H2     sing N N 3   
AIB CA    C      sing N N 4   
AIB CA    CB1    sing N N 5   
AIB CA    CB2    sing N N 6   
AIB C     O      doub N N 7   
AIB C     OXT    sing N N 8   
AIB OXT   HXT    sing N N 9   
AIB CB1   HB11   sing N N 10  
AIB CB1   HB12   sing N N 11  
AIB CB1   HB13   sing N N 12  
AIB CB2   HB21   sing N N 13  
AIB CB2   HB22   sing N N 14  
AIB CB2   HB23   sing N N 15  
ALA N     CA     sing N N 16  
ALA N     H      sing N N 17  
ALA N     H2     sing N N 18  
ALA CA    C      sing N N 19  
ALA CA    CB     sing N N 20  
ALA CA    HA     sing N N 21  
ALA C     O      doub N N 22  
ALA C     OXT    sing N N 23  
ALA CB    HB1    sing N N 24  
ALA CB    HB2    sing N N 25  
ALA CB    HB3    sing N N 26  
ALA OXT   HXT    sing N N 27  
BNZ C1    C2     doub Y N 28  
BNZ C1    C6     sing Y N 29  
BNZ C1    H1     sing N N 30  
BNZ C2    C3     sing Y N 31  
BNZ C2    H2     sing N N 32  
BNZ C3    C4     doub Y N 33  
BNZ C3    H3     sing N N 34  
BNZ C4    C5     sing Y N 35  
BNZ C4    H4     sing N N 36  
BNZ C5    C6     doub Y N 37  
BNZ C5    H5     sing N N 38  
BNZ C6    H6     sing N N 39  
GLN N     CA     sing N N 40  
GLN N     H      sing N N 41  
GLN N     H2     sing N N 42  
GLN CA    C      sing N N 43  
GLN CA    CB     sing N N 44  
GLN CA    HA     sing N N 45  
GLN C     O      doub N N 46  
GLN C     OXT    sing N N 47  
GLN CB    CG     sing N N 48  
GLN CB    HB2    sing N N 49  
GLN CB    HB3    sing N N 50  
GLN CG    CD     sing N N 51  
GLN CG    HG2    sing N N 52  
GLN CG    HG3    sing N N 53  
GLN CD    OE1    doub N N 54  
GLN CD    NE2    sing N N 55  
GLN NE2   HE21   sing N N 56  
GLN NE2   HE22   sing N N 57  
GLN OXT   HXT    sing N N 58  
HOH O     H1     sing N N 59  
HOH O     H2     sing N N 60  
I6W O01   C02    doub N N 61  
I6W C02   C03    sing N N 62  
I6W C03   C06    doub Y N 63  
I6W C03   C04    sing Y N 64  
I6W C06   N07    sing Y N 65  
I6W C04   C05    doub Y N 66  
I6W N07   C08    doub Y N 67  
I6W C05   C08    sing Y N 68  
I6W C08   C09    sing N N 69  
I6W C09   C19    doub Y N 70  
I6W C09   N10    sing Y N 71  
I6W C19   C18    sing Y N 72  
I6W N10   C11    doub Y N 73  
I6W C18   C12    doub Y N 74  
I6W C11   C12    sing Y N 75  
I6W C12   C13    sing N N 76  
I6W C13   O17    doub N N 77  
I6W C13   O14    sing N N 78  
I6W O14   C15    sing N N 79  
I6W C15   C16    sing N N 80  
I6W C05   H051   sing N N 81  
I6W C04   H041   sing N N 82  
I6W C06   H061   sing N N 83  
I6W C11   H111   sing N N 84  
I6W C15   H152   sing N N 85  
I6W C15   H151   sing N N 86  
I6W C16   H162   sing N N 87  
I6W C16   H163   sing N N 88  
I6W C16   H161   sing N N 89  
I6W C18   H181   sing N N 90  
I6W C19   H191   sing N N 91  
I6W C02   OXT    sing N N 92  
I6W OXT   HXT    sing N N 93  
I77 N15   N14    sing N N 94  
I77 O16   C13    doub N N 95  
I77 N14   C13    sing N N 96  
I77 C13   C12    sing N N 97  
I77 C12   C17    doub Y N 98  
I77 C12   C11    sing Y N 99  
I77 C17   C18    sing Y N 100 
I77 C11   N10    doub Y N 101 
I77 C18   C09    doub Y N 102 
I77 N10   C09    sing Y N 103 
I77 C09   C08    sing N N 104 
I77 C08   N07    doub Y N 105 
I77 C08   C05    sing Y N 106 
I77 N07   C06    sing Y N 107 
I77 C05   C04    doub Y N 108 
I77 C06   C03    doub Y N 109 
I77 C04   C03    sing Y N 110 
I77 C03   C02    sing N N 111 
I77 C02   N01    sing N N 112 
I77 C02   O19    doub N N 113 
I77 C11   H111   sing N N 114 
I77 C17   H171   sing N N 115 
I77 C18   H181   sing N N 116 
I77 C04   H041   sing N N 117 
I77 C05   H051   sing N N 118 
I77 C06   H061   sing N N 119 
I77 N01   H011   sing N N 120 
I77 N01   H012   sing N N 121 
I77 N14   H141   sing N N 122 
I77 N15   H1     sing N N 123 
I77 N15   H2     sing N N 124 
IPB C4    C5     doub Y N 125 
IPB C4    C3     sing Y N 126 
IPB C4    C8     sing N N 127 
IPB C5    C6     sing Y N 128 
IPB C5    H5     sing N N 129 
IPB C6    C1     doub Y N 130 
IPB C6    H6     sing N N 131 
IPB C1    C2     sing Y N 132 
IPB C1    C7     sing N N 133 
IPB C2    C3     doub Y N 134 
IPB C2    H2     sing N N 135 
IPB C3    O      sing N N 136 
IPB C8    C9     sing N N 137 
IPB C8    C10    sing N N 138 
IPB C8    H8     sing N N 139 
IPB C7    H73    sing N N 140 
IPB C7    H72    sing N N 141 
IPB C7    H71    sing N N 142 
IPB O     H      sing N N 143 
IPB C9    H93    sing N N 144 
IPB C9    H92    sing N N 145 
IPB C9    H91    sing N N 146 
IPB C10   H103   sing N N 147 
IPB C10   H102   sing N N 148 
IPB C10   H101   sing N N 149 
LEU N     CA     sing N N 150 
LEU N     H      sing N N 151 
LEU N     H2     sing N N 152 
LEU CA    C      sing N N 153 
LEU CA    CB     sing N N 154 
LEU CA    HA     sing N N 155 
LEU C     O      doub N N 156 
LEU C     OXT    sing N N 157 
LEU CB    CG     sing N N 158 
LEU CB    HB2    sing N N 159 
LEU CB    HB3    sing N N 160 
LEU CG    CD1    sing N N 161 
LEU CG    CD2    sing N N 162 
LEU CG    HG     sing N N 163 
LEU CD1   HD11   sing N N 164 
LEU CD1   HD12   sing N N 165 
LEU CD1   HD13   sing N N 166 
LEU CD2   HD21   sing N N 167 
LEU CD2   HD22   sing N N 168 
LEU CD2   HD23   sing N N 169 
LEU OXT   HXT    sing N N 170 
OXE C1    C2     doub Y N 171 
OXE C1    C6     sing Y N 172 
OXE C1    "C1'"  sing N N 173 
OXE C2    C3     sing Y N 174 
OXE C2    "C2'"  sing N N 175 
OXE C3    C4     doub Y N 176 
OXE C3    H3     sing N N 177 
OXE C4    C5     sing Y N 178 
OXE C4    H4     sing N N 179 
OXE C5    C6     doub Y N 180 
OXE C5    H5     sing N N 181 
OXE C6    H6     sing N N 182 
OXE "C1'" "H1'1" sing N N 183 
OXE "C1'" "H1'2" sing N N 184 
OXE "C1'" "H1'3" sing N N 185 
OXE "C2'" "H2'1" sing N N 186 
OXE "C2'" "H2'2" sing N N 187 
OXE "C2'" "H2'3" sing N N 188 
PYJ CB    CX     sing N N 189 
PYJ CB    CG     sing N N 190 
PYJ CB    HCB1   sing N N 191 
PYJ CB    HCB2   sing N N 192 
PYJ CX    HCX1   sing N N 193 
PYJ CX    HCX2   sing N N 194 
PYJ CX    HCX3   sing N N 195 
PYJ CG    CD1    doub Y N 196 
PYJ CG    CD2    sing Y N 197 
PYJ CD1   CE1    sing Y N 198 
PYJ CD1   HCD1   sing N N 199 
PYJ CD2   CE2    doub Y N 200 
PYJ CD2   HCD2   sing N N 201 
PYJ CE1   CZ     doub Y N 202 
PYJ CE1   HCE1   sing N N 203 
PYJ CE2   CZ     sing Y N 204 
PYJ CE2   HCE2   sing N N 205 
PYJ CZ    HCZ1   sing N N 206 
# 
_pdbx_audit_support.funding_organization   'Department of Energy (DOE, United States)' 
_pdbx_audit_support.country                'United States' 
_pdbx_audit_support.grant_number           DE-AC02-06CH11357 
_pdbx_audit_support.ordinal                1 
# 
_pdbx_initial_refinement_model.id               1 
_pdbx_initial_refinement_model.entity_id_list   ? 
_pdbx_initial_refinement_model.type             'experimental model' 
_pdbx_initial_refinement_model.source_name      PDB 
_pdbx_initial_refinement_model.accession_code   7TLS 
_pdbx_initial_refinement_model.details          ? 
# 
_space_group.name_H-M_alt     'P 1 21 1' 
_space_group.name_Hall        'P 2yb' 
_space_group.IT_number        4 
_space_group.crystal_system   monoclinic 
_space_group.id               1 
# 
_atom_sites.entry_id                    9C05 
_atom_sites.Cartn_transf_matrix[1][1]   ? 
_atom_sites.Cartn_transf_matrix[1][2]   ? 
_atom_sites.Cartn_transf_matrix[1][3]   ? 
_atom_sites.Cartn_transf_matrix[2][1]   ? 
_atom_sites.Cartn_transf_matrix[2][2]   ? 
_atom_sites.Cartn_transf_matrix[2][3]   ? 
_atom_sites.Cartn_transf_matrix[3][1]   ? 
_atom_sites.Cartn_transf_matrix[3][2]   ? 
_atom_sites.Cartn_transf_matrix[3][3]   ? 
_atom_sites.Cartn_transf_vector[1]      ? 
_atom_sites.Cartn_transf_vector[2]      ? 
_atom_sites.Cartn_transf_vector[3]      ? 
_atom_sites.Cartn_transform_axes        ? 
_atom_sites.fract_transf_matrix[1][1]   -0.03866458 
_atom_sites.fract_transf_matrix[1][2]   -0.03342732 
_atom_sites.fract_transf_matrix[1][3]   0.05098504 
_atom_sites.fract_transf_matrix[2][1]   -0.04065291 
_atom_sites.fract_transf_matrix[2][2]   0.06225330 
_atom_sites.fract_transf_matrix[2][3]   0.00998593 
_atom_sites.fract_transf_matrix[3][1]   -0.02282901 
_atom_sites.fract_transf_matrix[3][2]   -0.01106782 
_atom_sites.fract_transf_matrix[3][3]   -0.02393938 
_atom_sites.fract_transf_vector[1]      -0.063789 
_atom_sites.fract_transf_vector[2]      -0.137816 
_atom_sites.fract_transf_vector[3]      -0.181339 
_atom_sites.solution_primary            ? 
_atom_sites.solution_secondary          ? 
_atom_sites.solution_hydrogens          ? 
_atom_sites.special_details             ? 
# 
loop_
_atom_type.symbol 
_atom_type.scat_dispersion_real 
_atom_type.scat_dispersion_imag 
_atom_type.scat_Cromer_Mann_a1 
_atom_type.scat_Cromer_Mann_a2 
_atom_type.scat_Cromer_Mann_a3 
_atom_type.scat_Cromer_Mann_a4 
_atom_type.scat_Cromer_Mann_b1 
_atom_type.scat_Cromer_Mann_b2 
_atom_type.scat_Cromer_Mann_b3 
_atom_type.scat_Cromer_Mann_b4 
_atom_type.scat_Cromer_Mann_c 
_atom_type.scat_source 
_atom_type.scat_dispersion_source 
C ? ? 2.51340 1.74867 1.72398 ? 31.80534 0.44561  10.58317 ? 0.0 
;3-Gaussian fit: Grosse-Kunstleve RW, Sauter NK, Adams PD: Newsletter of the IUCr Commission on Crystallographic Computing 2004, 3, 22-31.
;
? 
H ? ? 0.53795 0.34799 0.11320 ? 10.08003 29.74760 2.57510  ? 0.0 
;3-Gaussian fit: Grosse-Kunstleve RW, Sauter NK, Adams PD: Newsletter of the IUCr Commission on Crystallographic Computing 2004, 3, 22-31.
;
? 
N ? ? 2.99955 2.25584 1.72788 ? 23.27268 7.45433  0.31622  ? 0.0 
;3-Gaussian fit: Grosse-Kunstleve RW, Sauter NK, Adams PD: Newsletter of the IUCr Commission on Crystallographic Computing 2004, 3, 22-31.
;
? 
O ? ? 4.49882 3.47563 ?       ? 15.80542 1.70748  ?        ? 0.0 
;2-Gaussian fit: Grosse-Kunstleve RW, Sauter NK, Adams PD: Newsletter of the IUCr Commission on Crystallographic Computing 2004, 3, 22-31.
;
? 
# 
loop_
_atom_site.group_PDB 
_atom_site.id 
_atom_site.type_symbol 
_atom_site.label_atom_id 
_atom_site.label_alt_id 
_atom_site.label_comp_id 
_atom_site.label_asym_id 
_atom_site.label_entity_id 
_atom_site.label_seq_id 
_atom_site.pdbx_PDB_ins_code 
_atom_site.Cartn_x 
_atom_site.Cartn_y 
_atom_site.Cartn_z 
_atom_site.occupancy 
_atom_site.B_iso_or_equiv 
_atom_site.pdbx_formal_charge 
_atom_site.auth_seq_id 
_atom_site.auth_comp_id 
_atom_site.auth_asym_id 
_atom_site.auth_atom_id 
_atom_site.pdbx_PDB_model_num 
ATOM   1   N N      . LEU A 1 1 ? 0.95903  -6.74510  4.79888  1.000 10.74327 ? 2   LEU A N      1 
ATOM   2   C CA     . LEU A 1 1 ? 0.29382  -6.77179  3.51169  1.000 9.53132  ? 2   LEU A CA     1 
ATOM   3   C C      . LEU A 1 1 ? -0.37740 -5.43641  3.20580  1.000 7.31437  ? 2   LEU A C      1 
ATOM   4   O O      . LEU A 1 1 ? -0.27124 -4.93707  2.07498  1.000 7.25481  ? 2   LEU A O      1 
ATOM   5   C CB     . LEU A 1 1 ? -0.71757 -7.91913  3.47119  1.000 10.72368 ? 2   LEU A CB     1 
ATOM   6   C CG     . LEU A 1 1 ? -1.60704 -8.02045  2.23179  1.000 11.64276 ? 2   LEU A CG     1 
ATOM   7   C CD1    . LEU A 1 1 ? -0.78813 -8.13435  0.97584  1.000 11.75353 ? 2   LEU A CD1    1 
ATOM   8   C CD2    . LEU A 1 1 ? -2.54761 -9.19477  2.34040  1.000 13.56978 ? 2   LEU A CD2    1 
ATOM   9   H H1     . LEU A 1 1 ? 1.04250  -7.51825  5.16597  1.000 12.89388 ? 2   LEU A H1     1 
ATOM   10  H HA     . LEU A 1 1 ? 0.94743  -6.92597  2.81176  1.000 11.43955 ? 2   LEU A HA     1 
ATOM   11  H HB2    . LEU A 1 1 ? -0.22542 -8.75260  3.53448  1.000 12.87038 ? 2   LEU A HB2    1 
ATOM   12  H HB3    . LEU A 1 1 ? -1.30758 -7.82340  4.23515  1.000 12.87038 ? 2   LEU A HB3    1 
ATOM   13  H HG     . LEU A 1 1 ? -2.13260 -7.20720  2.17431  1.000 13.97327 ? 2   LEU A HG     1 
ATOM   14  H HD11   . LEU A 1 1 ? -1.38055 -8.10121  0.20847  1.000 14.10620 ? 2   LEU A HD11   1 
ATOM   15  H HD12   . LEU A 1 1 ? -0.15963 -7.39634  0.94061  1.000 14.10620 ? 2   LEU A HD12   1 
ATOM   16  H HD13   . LEU A 1 1 ? -0.30825 -8.97725  0.98709  1.000 14.10620 ? 2   LEU A HD13   1 
ATOM   17  H HD21   . LEU A 1 1 ? -3.18960 -9.15338  1.61443  1.000 16.28569 ? 2   LEU A HD21   1 
ATOM   18  H HD22   . LEU A 1 1 ? -2.03512 -10.01628 2.28231  1.000 16.28569 ? 2   LEU A HD22   1 
ATOM   19  H HD23   . LEU A 1 1 ? -3.00883 -9.15220  3.19267  1.000 16.28569 ? 2   LEU A HD23   1 
HETATM 20  N N      . AIB A 1 2 ? -1.06587 -4.85248  4.18108  1.000 6.64777  ? 3   AIB A N      1 
HETATM 21  C CA     . AIB A 1 2 ? -1.73116 -3.58129  3.96108  1.000 6.53015  ? 3   AIB A CA     1 
HETATM 22  C C      . AIB A 1 2 ? -0.74113 -2.56978  3.37097  1.000 6.13849  ? 3   AIB A C      1 
HETATM 23  O O      . AIB A 1 2 ? -1.01291 -1.88108  2.39632  1.000 6.67526  ? 3   AIB A O      1 
HETATM 24  C CB1    . AIB A 1 2 ? -2.89566 -3.75236  2.98062  1.000 7.08782  ? 3   AIB A CB1    1 
HETATM 25  C CB2    . AIB A 1 2 ? -2.25139 -3.01380  5.29060  1.000 6.61701  ? 3   AIB A CB2    1 
HETATM 26  H H      . AIB A 1 2 ? -1.46400 -5.33304  4.96373  1.000 7.97928  ? 3   AIB A H      1 
HETATM 27  H HB11   . AIB A 1 2 ? -2.52449 -4.20576  2.03083  1.000 8.50734  ? 3   AIB A HB11   1 
HETATM 28  H HB12   . AIB A 1 2 ? -3.66989 -4.41973  3.42856  1.000 8.50734  ? 3   AIB A HB12   1 
HETATM 29  H HB13   . AIB A 1 2 ? -3.35096 -2.75768  2.75977  1.000 8.50734  ? 3   AIB A HB13   1 
HETATM 30  H HB21   . AIB A 1 2 ? -2.72688 -2.02079  5.10219  1.000 7.94237  ? 3   AIB A HB21   1 
HETATM 31  H HB22   . AIB A 1 2 ? -3.00341 -3.71983  5.71920  1.000 7.94237  ? 3   AIB A HB22   1 
HETATM 32  H HB23   . AIB A 1 2 ? -1.39443 -2.89661  5.99740  1.000 7.94237  ? 3   AIB A HB23   1 
ATOM   33  N N      . ALA A 1 3 ? 0.42138  -2.43698  4.00549  1.000 6.81306  ? 4   ALA A N      1 
ATOM   34  C CA     . ALA A 1 3 ? 1.41014  -1.46378  3.53967  1.000 8.16188  ? 4   ALA A CA     1 
ATOM   35  C C      . ALA A 1 3 ? 1.89128  -1.76225  2.12098  1.000 7.57497  ? 4   ALA A C      1 
ATOM   36  O O      . ALA A 1 3 ? 2.09654  -0.84034  1.32058  1.000 8.26318  ? 4   ALA A O      1 
ATOM   37  C CB     . ALA A 1 3 ? 2.59381  -1.41267  4.48003  1.000 10.24541 ? 4   ALA A CB     1 
ATOM   38  H H      . ALA A 1 3 ? 0.65862  -2.89041  4.69667  1.000 8.17763  ? 4   ALA A H      1 
ATOM   39  H HA     . ALA A 1 3 ? 0.98218  -0.59334  3.52949  1.000 9.79622  ? 4   ALA A HA     1 
ATOM   40  H HB1    . ALA A 1 3 ? 3.27273  -0.83216  4.10188  1.000 12.29645 ? 4   ALA A HB1    1 
ATOM   41  H HB2    . ALA A 1 3 ? 2.30144  -1.06511  5.33714  1.000 12.29645 ? 4   ALA A HB2    1 
ATOM   42  H HB3    . ALA A 1 3 ? 2.94865  -2.30870  4.59006  1.000 12.29645 ? 4   ALA A HB3    1 
HETATM 43  N N      . AIB A 1 4 ? 2.08717  -3.04755  1.82046  1.000 7.15288  ? 5   AIB A N      1 
HETATM 44  C CA     . AIB A 1 4 ? 2.59529  -3.47600  0.53652  1.000 7.70170  ? 5   AIB A CA     1 
HETATM 45  C C      . AIB A 1 4 ? 1.67593  -2.99785  -0.59151 1.000 6.37987  ? 5   AIB A C      1 
HETATM 46  O O      . AIB A 1 4 ? 2.11363  -2.67157  -1.69537 1.000 7.20319  ? 5   AIB A O      1 
HETATM 47  C CB1    . AIB A 1 4 ? 4.02455  -2.95507  0.28678  1.000 9.94186  ? 5   AIB A CB1    1 
HETATM 48  C CB2    . AIB A 1 4 ? 2.59746  -5.00974  0.49869  1.000 8.73381  ? 5   AIB A CB2    1 
HETATM 49  H H      . AIB A 1 4 ? 1.60787  -3.80567  2.26489  1.000 8.58541  ? 5   AIB A H      1 
HETATM 50  H HB11   . AIB A 1 4 ? 4.67613  -3.21253  1.15546  1.000 11.93219 ? 5   AIB A HB11   1 
HETATM 51  H HB12   . AIB A 1 4 ? 4.44027  -3.42445  -0.63641 1.000 11.93219 ? 5   AIB A HB12   1 
HETATM 52  H HB13   . AIB A 1 4 ? 4.00408  -1.84667  0.15839  1.000 11.93219 ? 5   AIB A HB13   1 
HETATM 53  H HB21   . AIB A 1 4 ? 2.99611  -5.34971  -0.48782 1.000 10.48253 ? 5   AIB A HB21   1 
HETATM 54  H HB22   . AIB A 1 4 ? 3.24570  -5.39403  1.32316  1.000 10.48253 ? 5   AIB A HB22   1 
HETATM 55  H HB23   . AIB A 1 4 ? 1.55208  -5.37942  0.63371  1.000 10.48253 ? 5   AIB A HB23   1 
ATOM   56  N N      . LEU A 1 5 ? 0.37005  -2.96897  -0.30876 1.000 6.16735  ? 6   LEU A N      1 
ATOM   57  C CA     . LEU A 1 5 ? -0.61009 -2.49008  -1.27235 1.000 5.96861  ? 6   LEU A CA     1 
ATOM   58  C C      . LEU A 1 5 ? -0.79277 -0.96343  -1.21003 1.000 6.48530  ? 6   LEU A C      1 
ATOM   59  O O      . LEU A 1 5 ? -0.85563 -0.28739  -2.24456 1.000 7.07224  ? 6   LEU A O      1 
ATOM   60  C CB     . LEU A 1 5 ? -1.96217 -3.17979  -1.03926 1.000 6.73691  ? 6   LEU A CB     1 
ATOM   61  C CG     . LEU A 1 5 ? -1.94298 -4.70500  -0.99693 1.000 7.80057  ? 6   LEU A CG     1 
ATOM   62  C CD1    . LEU A 1 5 ? -3.32963 -5.27036  -0.69266 1.000 8.56622  ? 6   LEU A CD1    1 
ATOM   63  C CD2    . LEU A 1 5 ? -1.42255 -5.26300  -2.30094 1.000 9.91503  ? 6   LEU A CD2    1 
ATOM   64  H H      . LEU A 1 5 ? 0.03021  -3.22364  0.43907  1.000 7.40277  ? 6   LEU A H      1 
ATOM   65  H HA     . LEU A 1 5 ? -0.29105 -2.70795  -2.16209 1.000 7.16428  ? 6   LEU A HA     1 
ATOM   66  H HB2    . LEU A 1 5 ? -2.31371 -2.87430  -0.18839 1.000 8.08625  ? 6   LEU A HB2    1 
ATOM   67  H HB3    . LEU A 1 5 ? -2.56043 -2.92095  -1.75758 1.000 8.08625  ? 6   LEU A HB3    1 
ATOM   68  H HG     . LEU A 1 5 ? -1.34885 -4.98406  -0.28277 1.000 9.36264  ? 6   LEU A HG     1 
ATOM   69  H HD11   . LEU A 1 5 ? -3.25182 -6.22163  -0.51961 1.000 10.28142 ? 6   LEU A HD11   1 
ATOM   70  H HD12   . LEU A 1 5 ? -3.68981 -4.82058  0.08763  1.000 10.28142 ? 6   LEU A HD12   1 
ATOM   71  H HD13   . LEU A 1 5 ? -3.90699 -5.11941  -1.45737 1.000 10.28142 ? 6   LEU A HD13   1 
ATOM   72  H HD21   . LEU A 1 5 ? -1.45115 -6.23185  -2.26366 1.000 11.90000 ? 6   LEU A HD21   1 
ATOM   73  H HD22   . LEU A 1 5 ? -1.98119 -4.94326  -3.02661 1.000 11.90000 ? 6   LEU A HD22   1 
ATOM   74  H HD23   . LEU A 1 5 ? -0.50896 -4.96377  -2.43025 1.000 11.90000 ? 6   LEU A HD23   1 
HETATM 75  N N      . AIB A 1 6 ? -0.87982 -0.43713  0.01516  1.000 6.64523  ? 7   AIB A N      1 
HETATM 76  C CA     . AIB A 1 6 ? -1.15819 0.96255   0.29586  1.000 7.41301  ? 7   AIB A CA     1 
HETATM 77  C C      . AIB A 1 6 ? -0.13441 1.91102   -0.31691 1.000 6.33490  ? 7   AIB A C      1 
HETATM 78  O O      . AIB A 1 6 ? -0.39295 3.10092   -0.50399 1.000 6.51388  ? 7   AIB A O      1 
HETATM 79  C CB1    . AIB A 1 6 ? -2.54889 1.34726   -0.21631 1.000 9.04676  ? 7   AIB A CB1    1 
HETATM 80  C CB2    . AIB A 1 6 ? -1.09345 1.20214   1.81544  1.000 8.32998  ? 7   AIB A CB2    1 
HETATM 81  H H      . AIB A 1 6 ? -1.11476 -0.97404  0.82665  1.000 7.97623  ? 7   AIB A H      1 
HETATM 82  H HB11   . AIB A 1 6 ? -2.58848 1.22611   -1.32501 1.000 10.85807 ? 7   AIB A HB11   1 
HETATM 83  H HB12   . AIB A 1 6 ? -3.31823 0.68905   0.25308  1.000 10.85807 ? 7   AIB A HB12   1 
HETATM 84  H HB13   . AIB A 1 6 ? -2.76556 2.41032   0.04528  1.000 10.85807 ? 7   AIB A HB13   1 
HETATM 85  H HB21   . AIB A 1 6 ? -1.22638 2.29239   2.01880  1.000 9.99793  ? 7   AIB A HB21   1 
HETATM 86  H HB22   . AIB A 1 6 ? -1.90843 0.62113   2.31137  1.000 9.99793  ? 7   AIB A HB22   1 
HETATM 87  H HB23   . AIB A 1 6 ? -0.09955 0.86316   2.19614  1.000 9.99793  ? 7   AIB A HB23   1 
ATOM   88  N N      . GLN A 1 7 ? 1.05788  1.39444   -0.61865 1.000 5.82627  ? 8   GLN A N      1 
ATOM   89  C CA     . GLN A 1 7 ? 2.07858  2.22343   -1.23924 1.000 5.95566  ? 8   GLN A CA     1 
ATOM   90  C C      . GLN A 1 7 ? 1.59475  2.86531   -2.54859 1.000 5.59293  ? 8   GLN A C      1 
ATOM   91  O O      . GLN A 1 7 ? 2.13490  3.90236   -2.93691 1.000 5.96152  ? 8   GLN A O      1 
ATOM   92  C CB     . GLN A 1 7 ? 3.37559  1.44348   -1.48339 1.000 6.05368  ? 8   GLN A CB     1 
ATOM   93  C CG     . GLN A 1 7 ? 3.25097  0.37961   -2.52561 1.000 5.89355  ? 8   GLN A CG     1 
ATOM   94  C CD     . GLN A 1 7 ? 4.56144  -0.30790  -2.82414 1.000 5.89560  ? 8   GLN A CD     1 
ATOM   95  O OE1    . GLN A 1 7 ? 5.57970  0.34068   -3.11471 1.000 6.42923  ? 8   GLN A OE1    1 
ATOM   96  N NE2    . GLN A 1 7 ? 4.54113  -1.64062  -2.79450 1.000 6.59275  ? 8   GLN A NE2    1 
ATOM   97  H H      . GLN A 1 7 ? 1.29168  0.57949   -0.47445 1.000 6.99348  ? 8   GLN A H      1 
ATOM   98  H HA     . GLN A 1 7 ? 2.27992  2.94104   -0.61844 1.000 7.14875  ? 8   GLN A HA     1 
ATOM   99  H HB2    . GLN A 1 7 ? 4.06246  2.06372   -1.77392 1.000 7.26637  ? 8   GLN A HB2    1 
ATOM   100 H HB3    . GLN A 1 7 ? 3.64331  1.01634   -0.65466 1.000 7.26637  ? 8   GLN A HB3    1 
ATOM   101 H HG2    . GLN A 1 7 ? 2.62395  -0.29285  -2.21650 1.000 7.07422  ? 8   GLN A HG2    1 
ATOM   102 H HG3    . GLN A 1 7 ? 2.92905  0.78017   -3.34830 1.000 7.07422  ? 8   GLN A HG3    1 
ATOM   103 H HE21   . GLN A 1 7 ? 3.81005  -2.05560  -2.61309 1.000 7.91326  ? 8   GLN A HE21   1 
ATOM   104 H HE22   . GLN A 1 7 ? 5.25912  -2.08532  -2.95680 1.000 7.91326  ? 8   GLN A HE22   1 
HETATM 105 N N      . AIB A 1 8 ? 0.61170  2.27252   -3.22453 1.000 5.38757  ? 9   AIB A N      1 
HETATM 106 C CA     . AIB A 1 8 ? 0.00667  2.87432   -4.39524 1.000 5.98601  ? 9   AIB A CA     1 
HETATM 107 C C      . AIB A 1 8 ? -0.46000 4.32632   -4.12098 1.000 6.01934  ? 9   AIB A C      1 
HETATM 108 O O      . AIB A 1 8 ? -0.40528 5.19761   -4.98202 1.000 7.18644  ? 9   AIB A O      1 
HETATM 109 C CB1    . AIB A 1 8 ? 0.96746  2.88258   -5.59315 1.000 6.51826  ? 9   AIB A CB1    1 
HETATM 110 C CB2    . AIB A 1 8 ? -1.24950 2.07906   -4.76699 1.000 6.66799  ? 9   AIB A CB2    1 
HETATM 111 H H      . AIB A 1 8 ? 0.44673  1.28521   -3.22467 1.000 6.46704  ? 9   AIB A H      1 
HETATM 112 H HB11   . AIB A 1 8 ? 1.20689  1.83400   -5.89084 1.000 7.82387  ? 9   AIB A HB11   1 
HETATM 113 H HB12   . AIB A 1 8 ? 0.49121  3.40944   -6.45400 1.000 7.82387  ? 9   AIB A HB12   1 
HETATM 114 H HB13   . AIB A 1 8 ? 1.91075  3.41036   -5.31545 1.000 7.82387  ? 9   AIB A HB13   1 
HETATM 115 H HB21   . AIB A 1 8 ? -0.96853 1.01123   -4.93579 1.000 8.00355  ? 9   AIB A HB21   1 
HETATM 116 H HB22   . AIB A 1 8 ? -1.98694 2.15019   -3.93104 1.000 8.00355  ? 9   AIB A HB22   1 
HETATM 117 H HB23   . AIB A 1 8 ? -1.69001 2.50789   -5.69959 1.000 8.00355  ? 9   AIB A HB23   1 
ATOM   118 N N      A LEU A 1 9 ? -0.93940 4.53468   -2.88885 0.440 5.65202  ? 10  LEU A N      1 
ATOM   119 N N      B LEU A 1 9 ? -0.95253 4.57239   -2.91142 0.560 6.89991  ? 10  LEU A N      1 
ATOM   120 C CA     A LEU A 1 9 ? -1.46660 5.81649   -2.41049 0.440 5.66643  ? 10  LEU A CA     1 
ATOM   121 C CA     B LEU A 1 9 ? -1.41845 5.90614   -2.52751 0.560 7.75712  ? 10  LEU A CA     1 
ATOM   122 C C      A LEU A 1 9 ? -0.44469 6.55728   -1.55448 0.440 6.35822  ? 10  LEU A C      1 
ATOM   123 C C      B LEU A 1 9 ? -0.37231 6.69098   -1.77226 0.560 8.20822  ? 10  LEU A C      1 
ATOM   124 O O      A LEU A 1 9 ? -0.78722 7.30226   -0.63059 0.440 7.13556  ? 10  LEU A O      1 
ATOM   125 O O      B LEU A 1 9 ? -0.29966 7.90643   -1.84442 0.560 6.71761  ? 10  LEU A O      1 
ATOM   126 C CB     A LEU A 1 9 ? -2.73300 5.56813   -1.57598 0.440 6.16143  ? 10  LEU A CB     1 
ATOM   127 C CB     B LEU A 1 9 ? -2.69504 5.77800   -1.68884 0.560 8.24730  ? 10  LEU A CB     1 
ATOM   128 C CG     A LEU A 1 9 ? -3.90415 4.91033   -2.30458 0.440 7.58311  ? 10  LEU A CG     1 
ATOM   129 C CG     B LEU A 1 9 ? -3.79939 5.01354   -2.42037 0.560 7.78808  ? 10  LEU A CG     1 
ATOM   130 C CD1    A LEU A 1 9 ? -4.99470 4.51087   -1.31257 0.440 8.20746  ? 10  LEU A CD1    1 
ATOM   131 C CD1    B LEU A 1 9 ? -5.06230 4.96880   -1.57008 0.560 8.44452  ? 10  LEU A CD1    1 
ATOM   132 C CD2    A LEU A 1 9 ? -4.47290 5.80815   -3.38331 0.440 7.99460  ? 10  LEU A CD2    1 
ATOM   133 C CD2    B LEU A 1 9 ? -4.09079 5.64378   -3.78876 0.560 7.79984  ? 10  LEU A CD2    1 
ATOM   134 H H      A LEU A 1 9 ? -0.97125 3.92250   -2.28566 0.440 6.78439  ? 10  LEU A H      1 
ATOM   135 H H      B LEU A 1 9 ? -1.02902 3.98275   -2.29006 0.560 8.28185  ? 10  LEU A H      1 
ATOM   136 H HA     A LEU A 1 9 ? -1.68127 6.37493   -3.17401 0.440 6.80168  ? 10  LEU A HA     1 
ATOM   137 H HA     B LEU A 1 9 ? -1.61320 6.41186   -3.33201 0.560 9.31050  ? 10  LEU A HA     1 
ATOM   138 H HB2    A LEU A 1 9 ? -2.49645 4.98985   -0.83400 0.440 7.39568  ? 10  LEU A HB2    1 
ATOM   139 H HB2    B LEU A 1 9 ? -2.48882 5.30123   -0.86965 0.560 9.89871  ? 10  LEU A HB2    1 
ATOM   140 H HB3    A LEU A 1 9 ? -3.04711 6.42333   -1.24302 0.440 7.39568  ? 10  LEU A HB3    1 
ATOM   141 H HB3    B LEU A 1 9 ? -3.02772 6.66528   -1.48154 0.560 9.89871  ? 10  LEU A HB3    1 
ATOM   142 H HG     A LEU A 1 9 ? -3.57465 4.10979   -2.74215 0.440 9.10169  ? 10  LEU A HG     1 
ATOM   143 H HG     B LEU A 1 9 ? -3.50188 4.10317   -2.57408 0.560 9.34766  ? 10  LEU A HG     1 
ATOM   144 H HD11   A LEU A 1 9 ? -5.71615 4.07679   -1.79423 0.440 9.85091  ? 10  LEU A HD11   1 
ATOM   145 H HD11   B LEU A 1 9 ? -5.75123 4.48608   -2.05304 0.560 10.13539 ? 10  LEU A HD11   1 
ATOM   146 H HD12   A LEU A 1 9 ? -4.61895 3.90040   -0.65909 0.440 9.85091  ? 10  LEU A HD12   1 
ATOM   147 H HD12   B LEU A 1 9 ? -4.86495 4.51637   -0.73505 0.560 10.13539 ? 10  LEU A HD12   1 
ATOM   148 H HD13   A LEU A 1 9 ? -5.32544 5.30763   -0.86907 0.440 9.85091  ? 10  LEU A HD13   1 
ATOM   149 H HD13   B LEU A 1 9 ? -5.35627 5.87611   -1.39325 0.560 10.13539 ? 10  LEU A HD13   1 
ATOM   150 H HD21   A LEU A 1 9 ? -5.24856 5.37784   -3.77582 0.440 9.59548  ? 10  LEU A HD21   1 
ATOM   151 H HD21   B LEU A 1 9 ? -4.88465 5.23140   -4.16377 0.560 9.36177  ? 10  LEU A HD21   1 
ATOM   152 H HD22   A LEU A 1 9 ? -4.72997 6.65500   -2.98626 0.440 9.59548  ? 10  LEU A HD22   1 
ATOM   153 H HD22   B LEU A 1 9 ? -4.23568 6.59595   -3.67350 0.560 9.36177  ? 10  LEU A HD22   1 
ATOM   154 H HD23   A LEU A 1 9 ? -3.79597 5.95331   -4.06272 0.440 9.59548  ? 10  LEU A HD23   1 
ATOM   155 H HD23   B LEU A 1 9 ? -3.33194 5.49311   -4.37388 0.560 9.36177  ? 10  LEU A HD23   1 
HETATM 156 C C11    A I77 B 2 . ? 3.19545  7.81562   1.62320  0.395 6.70409  ? 101 I77 A C11    1 
HETATM 157 C C11    B I77 B 2 . ? 2.32310  7.60783   3.08540  0.605 9.97281  ? 101 I77 A C11    1 
HETATM 158 C C12    A I77 B 2 . ? 3.38177  8.17086   0.29496  0.395 6.47898  ? 101 I77 A C12    1 
HETATM 159 C C12    B I77 B 2 . ? 2.36678  7.52139   1.71552  0.605 8.81933  ? 101 I77 A C12    1 
HETATM 160 C C13    A I77 B 2 . ? 2.37256  7.75473   -0.75316 0.395 6.40643  ? 101 I77 A C13    1 
HETATM 161 C C13    B I77 B 2 . ? 1.13688  7.04814   0.97329  0.605 8.84965  ? 101 I77 A C13    1 
HETATM 162 C C17    A I77 B 2 . ? 4.52203  8.87319   -0.07693 0.395 6.03244  ? 101 I77 A C17    1 
HETATM 163 C C17    B I77 B 2 . ? 3.54548  7.80190   1.02383  0.605 7.93490  ? 101 I77 A C17    1 
HETATM 164 C C18    A I77 B 2 . ? 5.41349  9.23139   0.88943  0.395 5.76265  ? 101 I77 A C18    1 
HETATM 165 C C18    B I77 B 2 . ? 4.63110  8.22669   1.73901  0.605 6.87115  ? 101 I77 A C18    1 
HETATM 166 C C02    A I77 B 2 . ? 8.93354  10.33270  6.24450  0.395 5.38023  ? 101 I77 A C02    1 
HETATM 167 C C02    B I77 B 2 . ? 8.92028  10.20263  6.22343  0.605 10.58904 ? 101 I77 A C02    1 
HETATM 168 C C03    A I77 B 2 . ? 7.92905  9.96073   5.14831  0.395 5.25711  ? 101 I77 A C03    1 
HETATM 169 C C03    B I77 B 2 . ? 7.76051  9.69827   5.34848  0.605 10.68502 ? 101 I77 A C03    1 
HETATM 170 C C04    A I77 B 2 . ? 6.79719  9.28602   5.53318  0.395 5.87101  ? 101 I77 A C04    1 
HETATM 171 C C04    B I77 B 2 . ? 6.70443  9.10131   6.00615  0.605 10.63481 ? 101 I77 A C04    1 
HETATM 172 C C05    A I77 B 2 . ? 5.90242  8.95213   4.54750  0.395 6.15323  ? 101 I77 A C05    1 
HETATM 173 C C05    B I77 B 2 . ? 5.65710  8.64750   5.24587  0.605 8.77286  ? 101 I77 A C05    1 
HETATM 174 C C06    A I77 B 2 . ? 8.14211  10.27765  3.80966  0.395 6.00431  ? 101 I77 A C06    1 
HETATM 175 C C06    B I77 B 2 . ? 7.75857  9.81564   3.96597  0.605 10.62262 ? 101 I77 A C06    1 
HETATM 176 C C08    A I77 B 2 . ? 6.16969  9.27495   3.23063  0.395 6.15048  ? 101 I77 A C08    1 
HETATM 177 C C08    B I77 B 2 . ? 5.71027  8.77242   3.87800  0.605 8.09022  ? 101 I77 A C08    1 
HETATM 178 C C09    A I77 B 2 . ? 5.15840  8.87407   2.19512  0.395 6.12099  ? 101 I77 A C09    1 
HETATM 179 C C09    B I77 B 2 . ? 4.52534  8.29292   3.10508  0.605 7.76878  ? 101 I77 A C09    1 
HETATM 180 N N01    A I77 B 2 . ? 10.11706 11.06770  5.87017  0.395 6.23227  ? 101 I77 A N01    1 
HETATM 181 N N01    B I77 B 2 . ? 10.05666 10.84915  5.61282  0.605 9.30759  ? 101 I77 A N01    1 
HETATM 182 N N07    A I77 B 2 . ? 7.25837  9.93250   2.88374  0.395 6.46769  ? 101 I77 A N07    1 
HETATM 183 N N07    B I77 B 2 . ? 6.72631  9.36207   3.26995  0.605 10.05208 ? 101 I77 A N07    1 
HETATM 184 N N10    A I77 B 2 . ? 4.07637  8.18586   2.52810  0.395 6.73107  ? 101 I77 A N10    1 
HETATM 185 N N10    B I77 B 2 . ? 3.39841  8.00219   3.73936  0.605 10.40577 ? 101 I77 A N10    1 
HETATM 186 N N14    A I77 B 2 . ? 1.77573  6.45662   -0.54545 0.395 6.77833  ? 101 I77 A N14    1 
HETATM 187 N N14    B I77 B 2 . ? 1.47766  6.39990   -0.26374 0.605 8.55300  ? 101 I77 A N14    1 
HETATM 188 N N15    A I77 B 2 . ? 0.85253  5.97748   -1.47051 0.395 6.61645  ? 101 I77 A N15    1 
HETATM 189 N N15    B I77 B 2 . ? 0.50458  5.83556   -1.06478 0.605 8.47160  ? 101 I77 A N15    1 
HETATM 190 O O16    A I77 B 2 . ? 2.06298  8.43393   -1.68155 0.395 7.70465  ? 101 I77 A O16    1 
HETATM 191 O O16    B I77 B 2 . ? 0.02023  7.21616   1.35693  0.605 10.27144 ? 101 I77 A O16    1 
HETATM 192 O O19    A I77 B 2 . ? 8.74739  9.99464   7.37959  0.395 6.30644  ? 101 I77 A O19    1 
HETATM 193 O O19    B I77 B 2 . ? 8.87544  10.05415  7.40142  0.605 12.05116 ? 101 I77 A O19    1 
HETATM 194 H H111   A I77 B 2 . ? 2.33150  7.23794   1.91323  0.395 8.04687  ? 101 I77 A H111   1 
HETATM 195 H H111   B I77 B 2 . ? 1.42032  7.35628   3.62013  0.605 11.96933 ? 101 I77 A H111   1 
HETATM 196 H H171   A I77 B 2 . ? 4.69963  9.13226   -1.12068 0.395 7.24089  ? 101 I77 A H171   1 
HETATM 197 H H171   B I77 B 2 . ? 3.59975  7.68553   -0.05857 0.605 9.52384  ? 101 I77 A H171   1 
HETATM 198 H H181   A I77 B 2 . ? 6.31149  9.79013   0.63419  0.395 6.91714  ? 101 I77 A H181   1 
HETATM 199 H H181   B I77 B 2 . ? 5.55542  8.50509   1.23715  0.605 8.24734  ? 101 I77 A H181   1 
HETATM 200 H H041   A I77 B 2 . ? 6.61963  9.03053   6.56114  0.395 7.04718  ? 101 I77 A H041   1 
HETATM 201 H H041   B I77 B 2 . ? 6.70282  8.99591   7.07497  0.605 12.76373 ? 101 I77 A H041   1 
HETATM 202 H H051   A I77 B 2 . ? 4.98553  8.43493   4.80189  0.395 7.38583  ? 101 I77 A H051   1 
HETATM 203 H H051   B I77 B 2 . ? 4.79490  8.19430   5.71928  0.605 10.52939 ? 101 I77 A H051   1 
HETATM 204 H H061   A I77 B 2 . ? 9.03751  10.81072  3.52216  0.395 7.20713  ? 101 I77 A H061   1 
HETATM 205 H H061   B I77 B 2 . ? 8.59548  10.27507  3.45895  0.605 12.74910 ? 101 I77 A H061   1 
HETATM 206 H H011   A I77 B 2 . ? 10.26616 11.34205  4.92149  0.395 7.48069  ? 101 I77 A H011   1 
HETATM 207 H H011   B I77 B 2 . ? 10.09348 10.97163  4.62240  0.605 11.17107 ? 101 I77 A H011   1 
HETATM 208 H H012   A I77 B 2 . ? 10.79322 11.31771  6.57438  0.395 7.48069  ? 101 I77 A H012   1 
HETATM 209 H H012   B I77 B 2 . ? 10.81626 11.17372  6.18993  0.605 11.17107 ? 101 I77 A H012   1 
HETATM 210 H H141   A I77 B 2 . ? 2.02397  5.90475   0.25820  0.395 8.13595  ? 101 I77 A H141   1 
HETATM 211 H H141   B I77 B 2 . ? 2.44085  6.35652   -0.55084 0.605 10.26556 ? 101 I77 A H141   1 
HETATM 212 H H1     A I77 B 2 . ? 0.47954  5.12268   -1.09489 0.395 7.94169  ? 101 I77 A H1     1 
HETATM 213 H H1     B I77 B 2 . ? 0.77297  4.88259   -1.23766 0.605 10.16788 ? 101 I77 A H1     1 
HETATM 214 C C05    A I6W C 3 . ? 4.16095  -5.16275  7.76401  0.664 10.86105 ? 102 I6W A C05    1 
HETATM 215 C C05    B I6W C 3 . ? 4.84577  -4.40444  7.28720  0.336 7.07441  ? 102 I6W A C05    1 
HETATM 216 C C08    A I6W C 3 . ? 3.49060  -5.73933  8.79182  0.664 11.60960 ? 102 I6W A C08    1 
HETATM 217 C C08    B I6W C 3 . ? 4.45122  -4.88481  8.49612  0.336 6.82003  ? 102 I6W A C08    1 
HETATM 218 C C09    A I6W C 3 . ? 4.11249  -5.56970  10.15987 0.664 11.95497 ? 102 I6W A C09    1 
HETATM 219 C C09    B I6W C 3 . ? 5.26288  -4.53766  9.72946  0.336 6.58251  ? 102 I6W A C09    1 
HETATM 220 N N10    A I6W C 3 . ? 5.24614  -4.91468  10.25314 0.664 13.68223 ? 102 I6W A N10    1 
HETATM 221 N N10    B I6W C 3 . ? 6.33093  -3.76803  9.65536  0.336 8.04086  ? 102 I6W A N10    1 
HETATM 222 C C02    A I6W C 3 . ? 2.05945  -5.84748  4.81836  0.664 11.98306 ? 102 I6W A C02    1 
HETATM 223 C C02    B I6W C 3 . ? 1.99583  -5.81206  5.12608  0.336 9.07161  ? 102 I6W A C02    1 
HETATM 224 C C03    A I6W C 3 . ? 2.47307  -5.89973  6.29577  0.664 11.13509 ? 102 I6W A C03    1 
HETATM 225 C C03    B I6W C 3 . ? 2.92899  -5.44979  6.30701  0.336 8.27333  ? 102 I6W A C03    1 
HETATM 226 C C04    A I6W C 3 . ? 3.64296  -5.23050  6.48480  0.664 11.45636 ? 102 I6W A C04    1 
HETATM 227 C C04    B I6W C 3 . ? 4.08225  -4.69345  6.14020  0.336 7.83351  ? 102 I6W A C04    1 
HETATM 228 C C06    A I6W C 3 . ? 1.81388  -6.47919  7.38107  0.664 11.12805 ? 102 I6W A C06    1 
HETATM 229 C C06    B I6W C 3 . ? 2.57123  -5.88388  7.55953  0.336 6.19276  ? 102 I6W A C06    1 
HETATM 230 C C11    A I6W C 3 . ? 5.84206  -4.68788  11.40436 0.664 13.37547 ? 102 I6W A C11    1 
HETATM 231 C C11    B I6W C 3 . ? 7.03787  -3.42634  10.71871 0.336 8.02556  ? 102 I6W A C11    1 
HETATM 232 C C12    A I6W C 3 . ? 5.24622  -5.14349  12.56542 0.664 13.07908 ? 102 I6W A C12    1 
HETATM 233 C C12    B I6W C 3 . ? 6.63216  -3.87856  11.95164 0.336 6.56213  ? 102 I6W A C12    1 
HETATM 234 C C13    A I6W C 3 . ? 5.90547  -4.91130  13.95443 0.664 13.79531 ? 102 I6W A C13    1 
HETATM 235 C C13    B I6W C 3 . ? 7.39490  -3.49973  13.23735 0.336 6.60152  ? 102 I6W A C13    1 
HETATM 236 C C15    A I6W C 3 . ? 5.89499  -5.37406  16.32674 0.664 16.62459 ? 102 I6W A C15    1 
HETATM 237 C C15    B I6W C 3 . ? 7.58007  -3.80434  15.56585 0.336 7.95255  ? 102 I6W A C15    1 
HETATM 238 C C16    A I6W C 3 . ? 4.86155  -5.63831  17.45384 0.664 17.76288 ? 102 I6W A C16    1 
HETATM 239 C C16    B I6W C 3 . ? 6.84078  -4.52780  16.71438 0.336 8.35922  ? 102 I6W A C16    1 
HETATM 240 C C18    A I6W C 3 . ? 4.04693  -5.81307  12.50962 0.664 12.79313 ? 102 I6W A C18    1 
HETATM 241 C C18    B I6W C 3 . ? 5.51023  -4.66526  12.07907 0.336 6.12884  ? 102 I6W A C18    1 
HETATM 242 C C19    A I6W C 3 . ? 3.45437  -6.02842  11.27093 0.664 12.12952 ? 102 I6W A C19    1 
HETATM 243 C C19    B I6W C 3 . ? 4.80236  -5.00208  10.93436 0.336 6.42776  ? 102 I6W A C19    1 
HETATM 244 N N07    A I6W C 3 . ? 2.34616  -6.39542  8.60694  0.664 11.83733 ? 102 I6W A N07    1 
HETATM 245 N N07    B I6W C 3 . ? 3.32575  -5.59442  8.61256  0.336 7.02786  ? 102 I6W A N07    1 
HETATM 246 O O01    A I6W C 3 . ? 2.28566  -4.87300  4.13486  0.664 11.55138 ? 102 I6W A O01    1 
HETATM 247 O O01    B I6W C 3 . ? 2.18935  -5.26720  4.07036  0.336 9.20937  ? 102 I6W A O01    1 
HETATM 248 O O14    A I6W C 3 . ? 5.18999  -5.41090  15.07616 0.664 15.65298 ? 102 I6W A O14    1 
HETATM 249 O O14    B I6W C 3 . ? 6.82728  -4.06855  14.39396 0.336 7.70903  ? 102 I6W A O14    1 
HETATM 250 O O17    A I6W C 3 . ? 6.93250  -4.34784  14.06125 0.664 14.05421 ? 102 I6W A O17    1 
HETATM 251 O O17    B I6W C 3 . ? 8.31718  -2.76461  13.26337 0.336 7.42569  ? 102 I6W A O17    1 
HETATM 252 H H051   A I6W C 3 . ? 5.08530  -4.65849  7.94269  0.664 13.03522 ? 102 I6W A H051   1 
HETATM 253 H H051   B I6W C 3 . ? 5.73023  -3.81104  7.20831  0.336 8.49126  ? 102 I6W A H051   1 
HETATM 254 H H041   A I6W C 3 . ? 4.17223  -4.74687  5.62435  0.664 13.74960 ? 102 I6W A H041   1 
HETATM 255 H H041   B I6W C 3 . ? 4.39309  -4.32680  5.12860  0.336 9.40217  ? 102 I6W A H041   1 
HETATM 256 H H061   A I6W C 3 . ? 0.87108  -6.99692  7.23112  0.664 13.35562 ? 102 I6W A H061   1 
HETATM 257 H H061   B I6W C 3 . ? 1.66484  -6.46790  7.68907  0.336 7.43327  ? 102 I6W A H061   1 
HETATM 258 H H111   A I6W C 3 . ? 6.76761  -4.16228  11.44100 0.664 16.05253 ? 102 I6W A H111   1 
HETATM 259 H H111   B I6W C 3 . ? 7.90358  -2.81357  10.62235 0.336 9.63263  ? 102 I6W A H111   1 
HETATM 260 H H152   A I6W C 3 . ? 6.35045  -4.40124  16.46485 0.664 19.95147 ? 102 I6W A H152   1 
HETATM 261 H H152   B I6W C 3 . ? 7.61875  -2.73885  15.75588 0.336 9.54502  ? 102 I6W A H152   1 
HETATM 262 H H151   A I6W C 3 . ? 6.66039  -6.14011  16.34136 0.664 19.95147 ? 102 I6W A H151   1 
HETATM 263 H H151   B I6W C 3 . ? 8.58573  -4.19277  15.46249 0.336 9.54502  ? 102 I6W A H151   1 
HETATM 264 H H162   A I6W C 3 . ? 3.98977  -4.97147  17.31765 0.664 21.31741 ? 102 I6W A H162   1 
HETATM 265 H H162   B I6W C 3 . ? 5.75047  -4.38144  16.60013 0.336 10.03303 ? 102 I6W A H162   1 
HETATM 266 H H163   A I6W C 3 . ? 5.32911  -5.43886  18.43611 0.664 21.31741 ? 102 I6W A H163   1 
HETATM 267 H H163   B I6W C 3 . ? 7.16971  -4.11046  17.68437 0.336 10.03303 ? 102 I6W A H163   1 
HETATM 268 H H161   A I6W C 3 . ? 4.53039  -6.69265  17.40981 0.664 21.31741 ? 102 I6W A H161   1 
HETATM 269 H H161   B I6W C 3 . ? 7.07395  -5.60836  16.67921 0.336 10.03303 ? 102 I6W A H161   1 
HETATM 270 H H181   A I6W C 3 . ? 3.56763  -6.16975  13.42130 0.664 15.35372 ? 102 I6W A H181   1 
HETATM 271 H H181   B I6W C 3 . ? 5.18383  -5.01678  13.05785 0.336 7.35657  ? 102 I6W A H181   1 
HETATM 272 H H191   A I6W C 3 . ? 2.49999  -6.54391  11.18633 0.664 14.55739 ? 102 I6W A H191   1 
HETATM 273 H H191   B I6W C 3 . ? 3.90694  -5.61749  10.99139 0.336 7.71527  ? 102 I6W A H191   1 
HETATM 274 C CB     B PYJ D 4 . ? -8.32582 -9.92876  2.71153  0.312 9.62640  ? 103 PYJ A CB     1 
HETATM 275 C CX     B PYJ D 4 . ? -7.87801 -11.38894 2.73822  0.312 9.94254  ? 103 PYJ A CX     1 
HETATM 276 C CG     B PYJ D 4 . ? -7.27771 -8.97720  3.19063  0.312 9.02121  ? 103 PYJ A CG     1 
HETATM 277 C CD1    B PYJ D 4 . ? -6.64012 -8.13694  2.28638  0.312 9.17693  ? 103 PYJ A CD1    1 
HETATM 278 C CD2    B PYJ D 4 . ? -6.91403 -8.91849  4.52981  0.312 9.82037  ? 103 PYJ A CD2    1 
HETATM 279 C CE1    B PYJ D 4 . ? -5.66109 -7.25079  2.71061  0.312 9.77099  ? 103 PYJ A CE1    1 
HETATM 280 C CE2    B PYJ D 4 . ? -5.94116 -8.03083  4.96109  0.312 9.82381  ? 103 PYJ A CE2    1 
HETATM 281 C CZ     B PYJ D 4 . ? -5.30820 -7.19854  4.04965  0.312 9.66796  ? 103 PYJ A CZ     1 
HETATM 282 H HCB1   B PYJ D 4 . ? -8.58342 -9.69438  1.80621  0.312 11.55364 ? 103 PYJ A HCB1   1 
HETATM 283 H HCB2   B PYJ D 4 . ? -9.12140 -9.83282  3.25810  0.312 11.55364 ? 103 PYJ A HCB2   1 
HETATM 284 H HCX1   B PYJ D 4 . ? -7.10862 -11.52533 2.16347  0.312 11.93301 ? 103 PYJ A HCX1   1 
HETATM 285 H HCX2   B PYJ D 4 . ? -7.63273 -11.65913 3.63697  0.312 11.93301 ? 103 PYJ A HCX2   1 
HETATM 286 H HCX3   B PYJ D 4 . ? -8.58848 -11.97426 2.43237  0.312 11.93301 ? 103 PYJ A HCX3   1 
HETATM 287 H HCD1   B PYJ D 4 . ? -6.87328 -8.16995  1.38669  0.312 11.01427 ? 103 PYJ A HCD1   1 
HETATM 288 H HCD2   B PYJ D 4 . ? -7.32886 -9.48172  5.14267  0.312 11.78640 ? 103 PYJ A HCD2   1 
HETATM 289 H HCE1   B PYJ D 4 . ? -5.24261 -6.69264  2.09559  0.312 11.72715 ? 103 PYJ A HCE1   1 
HETATM 290 H HCE2   B PYJ D 4 . ? -5.71367 -7.99430  5.86210  0.312 11.79053 ? 103 PYJ A HCE2   1 
HETATM 291 H HCZ1   B PYJ D 4 . ? -4.64957 -6.60775  4.33611  0.312 11.60351 ? 103 PYJ A HCZ1   1 
HETATM 292 C C1     B BNZ E 5 . ? 5.83145  0.06463   1.50305  1.000 33.45012 ? 104 BNZ A C1     1 
HETATM 293 C C2     B BNZ E 5 . ? 7.13377  -0.39666  1.63675  1.000 33.79503 ? 104 BNZ A C2     1 
HETATM 294 C C3     B BNZ E 5 . ? 7.99793  0.21141   2.54020  1.000 33.60557 ? 104 BNZ A C3     1 
HETATM 295 C C4     B BNZ E 5 . ? 7.55841  1.28520   3.30934  1.000 33.76346 ? 104 BNZ A C4     1 
HETATM 296 C C5     B BNZ E 5 . ? 6.25585  1.74661   3.16961  1.000 33.99642 ? 104 BNZ A C5     1 
HETATM 297 C C6     B BNZ E 5 . ? 5.39115  1.13424   2.26872  1.000 33.71768 ? 104 BNZ A C6     1 
HETATM 298 H H1     B BNZ E 5 . ? 5.23492  -0.35695  0.88013  1.000 40.14210 ? 104 BNZ A H1     1 
HETATM 299 H H2     B BNZ E 5 . ? 7.43788  -1.13592  1.10514  1.000 40.55600 ? 104 BNZ A H2     1 
HETATM 300 H H3     B BNZ E 5 . ? 8.89795  -0.10927  2.63364  1.000 40.32865 ? 104 BNZ A H3     1 
HETATM 301 H H4     B BNZ E 5 . ? 8.15369  1.70545   3.93434  1.000 40.51811 ? 104 BNZ A H4     1 
HETATM 302 H H5     B BNZ E 5 . ? 5.95180  2.48968   3.69591  1.000 40.79766 ? 104 BNZ A H5     1 
HETATM 303 H H6     B BNZ E 5 . ? 4.48984  1.45171   2.17680  1.000 40.46318 ? 104 BNZ A H6     1 
HETATM 304 C C4     A IPB F 6 . ? -6.95089 -8.60255  3.81797  0.685 8.41240  ? 105 IPB A C4     1 
HETATM 305 C C5     A IPB F 6 . ? -5.88605 -8.06838  4.51991  0.685 7.70279  ? 105 IPB A C5     1 
HETATM 306 C C6     A IPB F 6 . ? -5.03393 -7.17160  3.91258  0.685 7.85921  ? 105 IPB A C6     1 
HETATM 307 C C1     A IPB F 6 . ? -5.23848 -6.77272  2.60347  0.685 7.55838  ? 105 IPB A C1     1 
HETATM 308 C C2     A IPB F 6 . ? -6.30959 -7.28304  1.90265  0.685 7.09887  ? 105 IPB A C2     1 
HETATM 309 C C3     A IPB F 6 . ? -7.15500 -8.20386  2.50538  0.685 8.61678  ? 105 IPB A C3     1 
HETATM 310 C C8     A IPB F 6 . ? -7.88838 -9.61331  4.49035  0.685 10.01486 ? 105 IPB A C8     1 
HETATM 311 C C9     A IPB F 6 . ? -8.09825 -10.86874 3.64702  0.685 11.75852 ? 105 IPB A C9     1 
HETATM 312 C C10    A IPB F 6 . ? -9.22233 -8.97113  4.86780  0.685 10.99051 ? 105 IPB A C10    1 
HETATM 313 H H5     A IPB F 6 . ? -5.72103 -8.35586  5.55093  0.685 9.24531  ? 105 IPB A H5     1 
HETATM 314 H H6     A IPB F 6 . ? -4.19309 -6.77379  4.46723  0.685 9.43301  ? 105 IPB A H6     1 
HETATM 315 H H2     A IPB F 6 . ? -6.49137 -6.96603  0.88317  0.685 8.52061  ? 105 IPB A H2     1 
HETATM 316 H H8     A IPB F 6 . ? -7.39823 -9.92885  5.40309  0.685 12.01980 ? 105 IPB A H8     1 
HETATM 317 H H93    A IPB F 6 . ? -8.79527 -10.65225 2.84284  0.685 14.11218 ? 105 IPB A H93    1 
HETATM 318 H H92    A IPB F 6 . ? -7.14820 -11.18575 3.22712  0.685 14.11218 ? 105 IPB A H92    1 
HETATM 319 H H91    A IPB F 6 . ? -8.50055 -11.66109 4.27130  0.685 14.11218 ? 105 IPB A H91    1 
HETATM 320 H H103   A IPB F 6 . ? -9.74763 -9.61309  5.56875  0.685 13.19057 ? 105 IPB A H103   1 
HETATM 321 H H102   A IPB F 6 . ? -9.04125 -8.00430  5.32807  0.685 13.19057 ? 105 IPB A H102   1 
HETATM 322 H H101   A IPB F 6 . ? -9.82624 -8.83955  3.97484  0.685 13.19057 ? 105 IPB A H101   1 
HETATM 323 H H071   A IPB F 6 . ? -4.56393 -6.06698  2.13465  0.685 9.07202  ? 105 IPB A H071   1 
HETATM 324 H H091   A IPB F 6 . ? -7.98425 -8.61617  1.94392  0.685 10.34209 ? 105 IPB A H091   1 
HETATM 325 C CB     A PYJ G 4 . ? 2.53050  2.92020   2.67307  0.712 35.59446 ? 106 PYJ A CB     1 
HETATM 326 C CX     A PYJ G 4 . ? 3.84488  3.31542   1.99843  0.712 36.24660 ? 106 PYJ A CX     1 
HETATM 327 C CG     A PYJ G 4 . ? 1.72571  4.11211   3.11185  0.712 35.28425 ? 106 PYJ A CG     1 
HETATM 328 C CD1    A PYJ G 4 . ? 1.98418  4.72754   4.33094  0.712 35.67716 ? 106 PYJ A CD1    1 
HETATM 329 C CD2    A PYJ G 4 . ? 0.70282  4.62815   2.31354  0.712 34.98180 ? 106 PYJ A CD2    1 
HETATM 330 C CE1    A PYJ G 4 . ? 1.24309  5.82771   4.74569  0.712 36.07719 ? 106 PYJ A CE1    1 
HETATM 331 C CE2    A PYJ G 4 . ? -0.03977 5.72798   2.72168  0.712 35.35142 ? 106 PYJ A CE2    1 
HETATM 332 C CZ     A PYJ G 4 . ? 0.22927  6.33374   3.94307  0.712 35.96430 ? 106 PYJ A CZ     1 
HETATM 333 H HCB1   A PYJ G 4 . ? 2.72195  2.35719   3.43941  0.712 42.71530 ? 106 PYJ A HCB1   1 
HETATM 334 H HCB2   A PYJ G 4 . ? 2.00630  2.38190   2.05962  0.712 42.71530 ? 106 PYJ A HCB2   1 
HETATM 335 H HCX1   A PYJ G 4 . ? 3.68380  3.90862   1.24805  0.712 43.49787 ? 106 PYJ A HCX1   1 
HETATM 336 H HCX2   A PYJ G 4 . ? 4.31262  2.53286   1.66720  0.712 43.49787 ? 106 PYJ A HCX2   1 
HETATM 337 H HCX3   A PYJ G 4 . ? 4.42999  3.77293   2.62231  0.712 43.49787 ? 106 PYJ A HCX3   1 
HETATM 338 H HCD1   A PYJ G 4 . ? 2.66224  4.39790   4.87545  0.712 42.81456 ? 106 PYJ A HCD1   1 
HETATM 339 H HCD2   A PYJ G 4 . ? 0.51705  4.22741   1.49513  0.712 41.98012 ? 106 PYJ A HCD2   1 
HETATM 340 H HCE1   A PYJ G 4 . ? 1.42836  6.22600   5.56540  0.712 43.29458 ? 106 PYJ A HCE1   1 
HETATM 341 H HCE2   A PYJ G 4 . ? -0.71699 6.05819   2.17651  0.712 42.42366 ? 106 PYJ A HCE2   1 
HETATM 342 H HCZ1   A PYJ G 4 . ? -0.26504 7.07111   4.22029  0.712 43.15912 ? 106 PYJ A HCZ1   1 
HETATM 343 C C1     A OXE H 7 . ? -3.33665 2.76008   4.41549  0.774 26.52256 ? 107 OXE A C1     1 
HETATM 344 C C1     B OXE H 7 . ? -4.36033 1.40357   4.74352  0.226 49.63013 ? 107 OXE A C1     1 
HETATM 345 C C2     A OXE H 7 . ? -3.66453 1.85050   5.41127  0.774 28.08885 ? 107 OXE A C2     1 
HETATM 346 C C2     B OXE H 7 . ? -3.69935 2.56365   4.32498  0.226 49.58993 ? 107 OXE A C2     1 
HETATM 347 C C3     A OXE H 7 . ? -4.55468 0.80582   5.17891  0.774 26.85934 ? 107 OXE A C3     1 
HETATM 348 C C3     B OXE H 7 . ? -3.04791 3.34267   5.27368  0.226 49.41941 ? 107 OXE A C3     1 
HETATM 349 C C4     A OXE H 7 . ? -5.12997 0.64172   3.93350  0.774 27.28240 ? 107 OXE A C4     1 
HETATM 350 C C4     B OXE H 7 . ? -3.04606 2.98751   6.61536  0.226 49.39725 ? 107 OXE A C4     1 
HETATM 351 C C5     A OXE H 7 . ? -4.81521 1.54574   2.92864  0.774 27.64541 ? 107 OXE A C5     1 
HETATM 352 C C5     B OXE H 7 . ? -3.71367 1.84522   7.02149  0.226 49.47299 ? 107 OXE A C5     1 
HETATM 353 C C6     A OXE H 7 . ? -3.92935 2.59098   3.17658  0.774 27.03890 ? 107 OXE A C6     1 
HETATM 354 C C6     B OXE H 7 . ? -4.36234 1.05692   6.08419  0.226 49.54787 ? 107 OXE A C6     1 
HETATM 355 C "C1'"  A OXE H 7 . ? -2.35875 3.87323   4.69889  0.774 27.85040 ? 107 OXE A "C1'"  1 
HETATM 356 C "C1'"  B OXE H 7 . ? -5.06835 0.54515   3.75430  0.226 49.67664 ? 107 OXE A "C1'"  1 
HETATM 357 C "C2'"  A OXE H 7 . ? -3.01524 2.03635   6.72774  0.774 30.07413 ? 107 OXE A "C2'"  1 
HETATM 358 C "C2'"  B OXE H 7 . ? -3.69844 2.95354   2.87637  0.226 49.85394 ? 107 OXE A "C2'"  1 
HETATM 359 H H3     A OXE H 7 . ? -4.76157 0.21632   5.86782  0.774 32.23317 ? 107 OXE A H3     1 
HETATM 360 H H3     B OXE H 7 . ? -2.60637 4.11479   5.00206  0.226 59.30525 ? 107 OXE A H3     1 
HETATM 361 H H4     A OXE H 7 . ? -5.71652 -0.06254  3.77580  0.774 32.74083 ? 107 OXE A H4     1 
HETATM 362 H H4     B OXE H 7 . ? -2.59755 3.51687   7.23464  0.226 59.27866 ? 107 OXE A H4     1 
HETATM 363 H H5     A OXE H 7 . ? -5.19529 1.45681   2.08452  0.774 33.17646 ? 107 OXE A H5     1 
HETATM 364 H H5     B OXE H 7 . ? -3.72950 1.60364   7.91943  0.226 59.36955 ? 107 OXE A H5     1 
HETATM 365 H H6     A OXE H 7 . ? -3.72959 3.19120   2.49487  0.774 32.44864 ? 107 OXE A H6     1 
HETATM 366 H H6     B OXE H 7 . ? -4.80491 0.28555   6.35627  0.226 59.45940 ? 107 OXE A H6     1 
HETATM 367 H "H1'1" A OXE H 7 . ? -1.48808 3.53231   4.95698  0.774 33.42244 ? 107 OXE A "H1'1" 1 
HETATM 368 H "H1'1" B OXE H 7 . ? -4.46359 0.19474   3.08170  0.226 59.61393 ? 107 OXE A "H1'1" 1 
HETATM 369 H "H1'2" A OXE H 7 . ? -2.66313 4.44687   5.41944  0.774 33.42244 ? 107 OXE A "H1'2" 1 
HETATM 370 H "H1'2" B OXE H 7 . ? -5.76267 1.03282   3.28422  0.226 59.61393 ? 107 OXE A "H1'2" 1 
HETATM 371 H "H1'3" A OXE H 7 . ? -2.22234 4.44038   3.92388  0.774 33.42244 ? 107 OXE A "H1'3" 1 
HETATM 372 H "H1'3" B OXE H 7 . ? -5.49424 -0.21712  4.17677  0.226 59.61393 ? 107 OXE A "H1'3" 1 
HETATM 373 H "H2'1" A OXE H 7 . ? -2.05758 2.16556   6.64363  0.774 36.09092 ? 107 OXE A "H2'1" 1 
HETATM 374 H "H2'1" B OXE H 7 . ? -3.47609 2.20524   2.30061  0.226 59.82669 ? 107 OXE A "H2'1" 1 
HETATM 375 H "H2'2" A OXE H 7 . ? -3.14732 1.26999   7.30752  0.774 36.09092 ? 107 OXE A "H2'2" 1 
HETATM 376 H "H2'2" B OXE H 7 . ? -3.05391 3.65431   2.69088  0.226 59.82669 ? 107 OXE A "H2'2" 1 
HETATM 377 H "H2'3" A OXE H 7 . ? -3.36475 2.80977   7.19739  0.774 36.09092 ? 107 OXE A "H2'3" 1 
HETATM 378 H "H2'3" B OXE H 7 . ? -4.56465 3.28303   2.59000  0.226 59.82669 ? 107 OXE A "H2'3" 1 
HETATM 379 O O      A HOH I 8 . ? 8.39758  -2.27725  14.89871 0.672 13.68107 ? 201 HOH A O      1 
HETATM 380 O O      A HOH I 8 . ? 7.22186  -0.97413  0.28846  0.495 25.75418 ? 202 HOH A O      1 
# 
loop_
_atom_site_anisotrop.id 
_atom_site_anisotrop.type_symbol 
_atom_site_anisotrop.pdbx_label_atom_id 
_atom_site_anisotrop.pdbx_label_alt_id 
_atom_site_anisotrop.pdbx_label_comp_id 
_atom_site_anisotrop.pdbx_label_asym_id 
_atom_site_anisotrop.pdbx_label_seq_id 
_atom_site_anisotrop.pdbx_PDB_ins_code 
_atom_site_anisotrop.U[1][1] 
_atom_site_anisotrop.U[2][2] 
_atom_site_anisotrop.U[3][3] 
_atom_site_anisotrop.U[1][2] 
_atom_site_anisotrop.U[1][3] 
_atom_site_anisotrop.U[2][3] 
_atom_site_anisotrop.pdbx_auth_seq_id 
_atom_site_anisotrop.pdbx_auth_comp_id 
_atom_site_anisotrop.pdbx_auth_asym_id 
_atom_site_anisotrop.pdbx_auth_atom_id 
1   N N     . LEU A 1 ? 0.17455 0.16306 0.07058 0.08655  0.00261  0.01617  2   LEU A N     
2   C CA    . LEU A 1 ? 0.16289 0.12330 0.07596 0.05695  0.02816  0.01147  2   LEU A CA    
3   C C     . LEU A 1 ? 0.13617 0.09482 0.04693 0.02295  0.00911  0.01816  2   LEU A C     
4   O O     . LEU A 1 ? 0.12224 0.09941 0.05399 0.02092  0.00478  0.00675  2   LEU A O     
5   C CB    . LEU A 1 ? 0.18270 0.11437 0.11038 0.04491  0.04743  0.02017  2   LEU A CB    
6   C CG    . LEU A 1 ? 0.17674 0.11059 0.15504 0.02934  0.04160  0.01866  2   LEU A CG    
7   C CD1   . LEU A 1 ? 0.18163 0.12507 0.13988 0.02488  0.02375  0.02828  2   LEU A CD1   
8   C CD2   . LEU A 1 ? 0.18827 0.12327 0.20405 0.01610  0.03798  0.01753  2   LEU A CD2   
20  N N     . AIB A 2 ? 0.10845 0.10182 0.04231 0.01889  0.00113  0.00774  3   AIB A N     
21  C CA    . AIB A 2 ? 0.09755 0.10443 0.04615 0.01204  -0.00230 0.00193  3   AIB A CA    
22  C C     . AIB A 2 ? 0.10888 0.08794 0.03642 0.01228  -0.00603 0.00156  3   AIB A C     
23  O O     . AIB A 2 ? 0.10697 0.09588 0.05077 0.00329  -0.00469 0.00864  3   AIB A O     
24  C CB1   . AIB A 2 ? 0.09562 0.12086 0.05282 0.00052  -0.00135 0.00520  3   AIB A CB1   
25  C CB2   . AIB A 2 ? 0.09524 0.10856 0.04763 0.01584  -0.00412 -0.00214 3   AIB A CB2   
33  N N     . ALA A 3 ? 0.10909 0.10894 0.04083 -0.00551 -0.01652 0.00622  4   ALA A N     
34  C CA    . ALA A 3 ? 0.11412 0.15099 0.04502 -0.02128 -0.01316 -0.00884 4   ALA A CA    
35  C C     . ALA A 3 ? 0.08630 0.14825 0.05326 -0.01335 -0.01806 0.00070  4   ALA A C     
36  O O     . ALA A 3 ? 0.10119 0.14558 0.06720 -0.02047 -0.01487 -0.00127 4   ALA A O     
37  C CB    . ALA A 3 ? 0.13479 0.19176 0.06273 -0.03848 -0.02012 -0.01179 4   ALA A CB    
43  N N     . AIB A 4 ? 0.08287 0.13452 0.05439 0.00115  -0.01579 0.00498  5   AIB A N     
44  C CA    . AIB A 4 ? 0.08780 0.14909 0.05574 0.01864  -0.00239 0.00160  5   AIB A CA    
45  C C     . AIB A 4 ? 0.09354 0.10285 0.04601 0.01347  0.00235  0.00486  5   AIB A C     
46  O O     . AIB A 4 ? 0.09984 0.11659 0.05726 0.01325  -0.00299 0.00929  5   AIB A O     
47  C CB1   . AIB A 4 ? 0.09496 0.21689 0.06590 0.00199  -0.00887 0.00916  5   AIB A CB1   
48  C CB2   . AIB A 4 ? 0.12154 0.15726 0.05304 0.04808  -0.00349 0.00605  5   AIB A CB2   
56  N N     . LEU A 5 ? 0.09344 0.09945 0.04144 0.00097  -0.00687 0.00049  6   LEU A N     
57  C CA    . LEU A 5 ? 0.08682 0.09342 0.04654 -0.00218 -0.01218 0.00056  6   LEU A CA    
58  C C     . LEU A 5 ? 0.09731 0.08973 0.05938 -0.00315 -0.01156 0.01016  6   LEU A C     
59  O O     . LEU A 5 ? 0.11321 0.09283 0.06268 0.00103  -0.02112 0.01325  6   LEU A O     
60  C CB    . LEU A 5 ? 0.09434 0.09946 0.06217 -0.00345 -0.02699 0.00678  6   LEU A CB    
61  C CG    . LEU A 5 ? 0.11018 0.10266 0.08353 -0.00404 -0.03270 0.01004  6   LEU A CG    
62  C CD1   . LEU A 5 ? 0.12165 0.11393 0.08991 -0.02080 -0.03431 0.00917  6   LEU A CD1   
63  C CD2   . LEU A 5 ? 0.13453 0.11883 0.12335 -0.00195 -0.01626 -0.02024 6   LEU A CD2   
75  N N     . AIB A 6 ? 0.10604 0.09293 0.05352 0.00255  -0.00345 0.00368  7   AIB A N     
76  C CA    . AIB A 6 ? 0.11685 0.09951 0.06529 0.01050  0.00782  -0.00597 7   AIB A CA    
77  C C     . AIB A 6 ? 0.10453 0.09508 0.04109 0.01148  0.00194  -0.00362 7   AIB A C     
78  O O     . AIB A 6 ? 0.10787 0.09132 0.04830 0.00847  -0.00779 -0.00659 7   AIB A O     
79  C CB1   . AIB A 6 ? 0.10984 0.12229 0.11161 0.00621  -0.00751 -0.00177 7   AIB A CB1   
80  C CB2   . AIB A 6 ? 0.14756 0.10814 0.06080 0.00816  0.02606  -0.00601 7   AIB A CB2   
88  N N     . GLN A 7 ? 0.09803 0.08811 0.03524 0.00887  -0.00346 -0.00137 8   GLN A N     
89  C CA    . GLN A 7 ? 0.10029 0.08386 0.04214 0.00913  -0.01744 -0.00884 8   GLN A CA    
90  C C     . GLN A 7 ? 0.09319 0.08540 0.03392 0.01698  -0.01831 -0.00212 8   GLN A C     
91  O O     . GLN A 7 ? 0.09474 0.08372 0.04805 0.01326  -0.01493 0.00348  8   GLN A O     
92  C CB    . GLN A 7 ? 0.09623 0.09484 0.03895 0.00719  -0.02759 -0.00269 8   GLN A CB    
93  C CG    . GLN A 7 ? 0.08709 0.09193 0.04491 0.00797  -0.01729 -0.00332 8   GLN A CG    
94  C CD    . GLN A 7 ? 0.09769 0.09423 0.03208 0.01509  -0.00923 0.00207  8   GLN A CD    
95  O OE1   . GLN A 7 ? 0.09767 0.10001 0.04660 0.00676  -0.00931 0.00577  8   GLN A OE1   
96  N NE2   . GLN A 7 ? 0.09641 0.08321 0.07086 0.00809  0.00558  -0.00566 8   GLN A NE2   
105 N N     . AIB A 8 ? 0.08814 0.07870 0.03787 0.01194  -0.02516 -0.01123 9   AIB A N     
106 C CA    . AIB A 8 ? 0.09258 0.08940 0.04545 0.01596  -0.02647 -0.01168 9   AIB A CA    
107 C C     . AIB A 8 ? 0.09285 0.08647 0.04940 0.01484  -0.02593 -0.01187 9   AIB A C     
108 O O     . AIB A 8 ? 0.12814 0.09755 0.04735 0.02111  -0.02870 -0.00158 9   AIB A O     
109 C CB1   . AIB A 8 ? 0.10230 0.10574 0.03963 0.02040  -0.01503 -0.00628 9   AIB A CB1   
110 C CB2   . AIB A 8 ? 0.10278 0.09809 0.05248 0.01503  -0.03465 -0.01785 9   AIB A CB2   
118 N N     A LEU A 9 ? 0.09786 0.06930 0.04759 0.01076  -0.02271 -0.00435 10  LEU A N     
119 N N     B LEU A 9 ? 0.09540 0.10459 0.06217 0.00988  -0.01121 -0.02523 10  LEU A N     
120 C CA    A LEU A 9 ? 0.09854 0.06955 0.04721 0.01560  -0.03398 -0.00707 10  LEU A CA    
121 C CA    B LEU A 9 ? 0.09634 0.12074 0.07765 0.01557  -0.01446 -0.04197 10  LEU A CA    
122 C C     A LEU A 9 ? 0.09440 0.09411 0.05307 0.01620  -0.03272 -0.02084 10  LEU A C     
123 C C     B LEU A 9 ? 0.09893 0.12303 0.08991 0.01970  -0.02901 -0.04648 10  LEU A C     
124 O O     A LEU A 9 ? 0.10946 0.10235 0.05932 0.02223  -0.03235 -0.03030 10  LEU A O     
125 O O     B LEU A 9 ? 0.10009 0.07909 0.07605 0.01622  -0.02840 -0.02085 10  LEU A O     
126 C CB    A LEU A 9 ? 0.10099 0.07004 0.06309 0.02622  -0.04134 -0.00759 10  LEU A CB    
127 C CB    B LEU A 9 ? 0.10564 0.12798 0.07974 0.02602  -0.01191 -0.04055 10  LEU A CB    
128 C CG    A LEU A 9 ? 0.09987 0.09013 0.09812 0.01240  -0.05159 -0.01421 10  LEU A CG    
129 C CG    B LEU A 9 ? 0.09914 0.10657 0.09019 0.01985  -0.01150 -0.02075 10  LEU A CG    
130 C CD1   A LEU A 9 ? 0.09606 0.10591 0.10988 0.01196  -0.04070 -0.02443 10  LEU A CD1   
131 C CD1   B LEU A 9 ? 0.10155 0.11329 0.10603 0.01619  -0.00713 -0.02303 10  LEU A CD1   
132 C CD2   A LEU A 9 ? 0.09567 0.09591 0.11218 0.01156  -0.05854 -0.02575 10  LEU A CD2   
133 C CD2   B LEU A 9 ? 0.09141 0.11019 0.09476 0.01613  -0.01808 -0.00292 10  LEU A CD2   
156 C C11   A I77 B . ? 0.10927 0.09953 0.04594 -0.00634 -0.03361 0.00308  101 I77 A C11   
157 C C11   B I77 B . ? 0.13984 0.16976 0.06933 -0.00824 -0.02387 -0.02212 101 I77 A C11   
158 C C12   A I77 B . ? 0.10214 0.10039 0.04365 -0.00406 -0.03085 -0.00965 101 I77 A C12   
159 C C12   B I77 B . ? 0.12637 0.14504 0.06368 0.00399  -0.02386 -0.02423 101 I77 A C12   
160 C C13   A I77 B . ? 0.10406 0.09095 0.04840 0.00345  -0.03555 -0.00728 101 I77 A C13   
161 C C13   B I77 B . ? 0.11128 0.14611 0.07886 0.00705  -0.03369 -0.02411 101 I77 A C13   
162 C C17   A I77 B . ? 0.09745 0.07790 0.05386 0.00928  -0.02869 -0.01572 101 I77 A C17   
163 C C17   B I77 B . ? 0.12423 0.12529 0.05197 0.00292  -0.02498 -0.01473 101 I77 A C17   
164 C C18   A I77 B . ? 0.10389 0.06228 0.05279 0.00305  -0.02573 -0.01786 101 I77 A C18   
165 C C18   B I77 B . ? 0.10589 0.11134 0.04384 0.00576  -0.01848 -0.01801 101 I77 A C18   
166 C C02   A I77 B . ? 0.08542 0.07778 0.04121 0.00740  -0.02691 0.01249  101 I77 A C02   
167 C C02   B I77 B . ? 0.16601 0.16164 0.07468 -0.01235 -0.03521 -0.04345 101 I77 A C02   
168 C C03   A I77 B . ? 0.07191 0.08724 0.04060 0.01218  -0.02597 -0.01078 101 I77 A C03   
169 C C03   B I77 B . ? 0.16267 0.17342 0.06990 -0.01102 -0.03973 -0.02599 101 I77 A C03   
170 C C04   A I77 B . ? 0.07508 0.10385 0.04415 -0.00251 -0.02372 -0.01820 101 I77 A C04   
171 C C04   B I77 B . ? 0.16123 0.17999 0.06284 -0.02211 -0.02854 -0.02399 101 I77 A C04   
172 C C05   A I77 B . ? 0.09375 0.09508 0.04497 -0.00626 -0.02731 -0.01946 101 I77 A C05   
173 C C05   B I77 B . ? 0.14179 0.14351 0.04803 -0.02412 -0.01967 -0.01036 101 I77 A C05   
174 C C06   A I77 B . ? 0.07466 0.10629 0.04718 0.02259  -0.02418 -0.02107 101 I77 A C06   
175 C C06   B I77 B . ? 0.15285 0.16957 0.08120 -0.01923 -0.04191 -0.02007 101 I77 A C06   
176 C C08   A I77 B . ? 0.10271 0.08186 0.04913 0.00285  -0.02982 -0.02028 101 I77 A C08   
177 C C08   B I77 B . ? 0.13239 0.12640 0.04860 -0.00985 -0.03071 -0.00543 101 I77 A C08   
178 C C09   A I77 B . ? 0.11030 0.07956 0.04270 0.00213  -0.02674 -0.01404 101 I77 A C09   
179 C C09   B I77 B . ? 0.12614 0.12131 0.04774 -0.00155 -0.02593 -0.01330 101 I77 A C09   
180 N N01   A I77 B . ? 0.10878 0.09544 0.03258 0.00219  -0.01553 -0.00592 101 I77 A N01   
181 N N01   B I77 B . ? 0.15173 0.13155 0.07037 -0.01342 -0.03793 -0.03251 101 I77 A N01   
182 N N07   A I77 B . ? 0.09047 0.10555 0.04972 0.01700  -0.02776 -0.02338 101 I77 A N07   
183 N N07   B I77 B . ? 0.15088 0.14775 0.08332 -0.02453 -0.03877 -0.00963 101 I77 A N07   
184 N N10   A I77 B . ? 0.11999 0.08839 0.04737 -0.00791 -0.03360 -0.00366 101 I77 A N10   
185 N N10   B I77 B . ? 0.15331 0.16704 0.07502 -0.01932 -0.03086 -0.01803 101 I77 A N10   
186 N N14   A I77 B . ? 0.13448 0.05218 0.07088 -0.00314 -0.05267 0.00272  101 I77 A N14   
187 N N14   B I77 B . ? 0.11904 0.11661 0.08932 0.02400  -0.05073 -0.03209 101 I77 A N14   
188 N N15   A I77 B . ? 0.11444 0.06668 0.07027 0.00807  -0.04973 0.00169  101 I77 A N15   
189 N N15   B I77 B . ? 0.12423 0.10654 0.09111 0.02904  -0.05839 -0.02589 101 I77 A N15   
190 O O16   A I77 B . ? 0.12059 0.10939 0.06275 -0.00948 -0.04520 -0.00672 101 I77 A O16   
191 O O16   B I77 B . ? 0.11050 0.19068 0.08909 0.01929  -0.02580 -0.05053 101 I77 A O16   
192 O O19   A I77 B . ? 0.09583 0.09708 0.04671 -0.00575 -0.02926 0.01700  101 I77 A O19   
193 O O19   B I77 B . ? 0.17754 0.18880 0.09155 -0.02048 -0.04617 -0.04726 101 I77 A O19   
214 C C05   A I6W C . ? 0.15787 0.16347 0.09131 0.03687  -0.03307 0.00656  102 I6W A C05   
215 C C05   B I6W C . ? 0.09727 0.12181 0.04973 -0.01212 -0.02149 0.02489  102 I6W A C05   
216 C C08   A I6W C . ? 0.17330 0.14783 0.11999 0.04536  -0.06342 0.00064  102 I6W A C08   
217 C C08   B I6W C . ? 0.10178 0.10871 0.04864 -0.00621 -0.02431 -0.00216 102 I6W A C08   
218 C C09   A I6W C . ? 0.17744 0.13914 0.13765 0.03893  -0.07856 -0.00730 102 I6W A C09   
219 C C09   B I6W C . ? 0.10007 0.10359 0.04645 0.01130  -0.02895 -0.00977 102 I6W A C09   
220 N N10   A I6W C . ? 0.21095 0.15251 0.15639 0.03108  -0.09086 -0.02776 102 I6W A N10   
221 N N10   B I6W C . ? 0.09792 0.13993 0.06767 0.00472  -0.03267 -0.00394 102 I6W A N10   
222 C C02   A I6W C . ? 0.17401 0.19393 0.08736 0.08678  -0.02461 0.00723  102 I6W A C02   
223 C C02   B I6W C . ? 0.13172 0.15512 0.05783 0.07555  0.00337  -0.00505 102 I6W A C02   
224 C C03   A I6W C . ? 0.16406 0.17647 0.08255 0.07305  -0.02960 0.00745  102 I6W A C03   
225 C C03   B I6W C . ? 0.12087 0.12778 0.06571 0.01915  -0.00859 -0.00756 102 I6W A C03   
226 C C04   A I6W C . ? 0.15972 0.18334 0.09223 0.05910  -0.02875 0.00495  102 I6W A C04   
227 C C04   B I6W C . ? 0.11001 0.12258 0.06504 -0.01561 -0.01422 0.02794  102 I6W A C04   
228 C C06   A I6W C . ? 0.15426 0.17513 0.09343 0.06698  -0.04348 0.00000  102 I6W A C06   
229 C C06   B I6W C . ? 0.09962 0.08978 0.04590 -0.00173 -0.01899 -0.00528 102 I6W A C06   
230 C C11   A I6W C . ? 0.21868 0.13163 0.15791 0.03626  -0.09677 -0.03020 102 I6W A C11   
231 C C11   B I6W C . ? 0.09464 0.14253 0.06776 0.01446  -0.04038 -0.00584 102 I6W A C11   
232 C C12   A I6W C . ? 0.21160 0.12583 0.15952 0.03773  -0.09932 -0.02940 102 I6W A C12   
233 C C12   B I6W C . ? 0.09550 0.09808 0.05575 0.02322  -0.03637 -0.01479 102 I6W A C12   
234 C C13   A I6W C . ? 0.22109 0.13964 0.16342 0.03880  -0.09817 -0.04641 102 I6W A C13   
235 C C13   B I6W C . ? 0.09825 0.09864 0.05394 0.01936  -0.03026 -0.02675 102 I6W A C13   
236 C C15   A I6W C . ? 0.24059 0.21618 0.17489 0.05002  -0.10508 -0.06867 102 I6W A C15   
237 C C15   B I6W C . ? 0.12900 0.10583 0.06733 0.01556  -0.04146 -0.02838 102 I6W A C15   
238 C C16   A I6W C . ? 0.26514 0.22620 0.18357 0.04797  -0.12011 -0.05244 102 I6W A C16   
239 C C16   B I6W C . ? 0.12861 0.11450 0.07450 0.01407  -0.04413 -0.02795 102 I6W A C16   
240 C C18   A I6W C . ? 0.19640 0.14196 0.14772 0.03388  -0.08393 -0.02857 102 I6W A C18   
241 C C18   B I6W C . ? 0.09453 0.08261 0.05573 0.02937  -0.03594 -0.01708 102 I6W A C18   
242 C C19   A I6W C . ? 0.18194 0.14225 0.13668 0.03676  -0.08186 -0.01840 102 I6W A C19   
243 C C19   B I6W C . ? 0.10018 0.09221 0.05184 0.01749  -0.03563 -0.01297 102 I6W A C19   
244 N N07   A I6W C . ? 0.16870 0.16900 0.11206 0.04675  -0.05066 -0.01374 102 I6W A N07   
245 N N07   B I6W C . ? 0.11058 0.10397 0.05247 -0.01512 -0.02233 -0.01956 102 I6W A N07   
246 O O01   A I6W C . ? 0.14859 0.21234 0.07797 0.08416  -0.01945 -0.00272 102 I6W A O01   
247 O O01   B I6W C . ? 0.14634 0.14160 0.06198 0.07686  -0.01169 0.00065  102 I6W A O01   
248 O O14   A I6W C . ? 0.22529 0.20319 0.16625 0.04520  -0.09505 -0.07166 102 I6W A O14   
249 O O14   B I6W C . ? 0.11630 0.11463 0.06197 0.01316  -0.03403 -0.03059 102 I6W A O14   
250 O O17   A I6W C . ? 0.21713 0.15151 0.16537 0.02456  -0.09180 -0.03696 102 I6W A O17   
251 O O17   B I6W C . ? 0.10753 0.11493 0.05968 0.01935  -0.03365 -0.02904 102 I6W A O17   
274 C CB    B PYJ D . ? 0.14034 0.16366 0.06176 0.03208  -0.01867 -0.01203 103 PYJ A CB    
275 C CX    B PYJ D . ? 0.15595 0.16807 0.05376 0.02120  -0.01678 -0.00914 103 PYJ A CX    
276 C CG    B PYJ D . ? 0.14318 0.13445 0.06514 0.03184  -0.01929 -0.01195 103 PYJ A CG    
277 C CD1   B PYJ D . ? 0.14910 0.13341 0.06618 0.03253  -0.01980 -0.01399 103 PYJ A CD1   
278 C CD2   B PYJ D . ? 0.15207 0.15195 0.06911 0.01966  -0.01985 -0.01380 103 PYJ A CD2   
279 C CE1   B PYJ D . ? 0.16179 0.14253 0.06692 0.02314  -0.01868 -0.02128 103 PYJ A CE1   
280 C CE2   B PYJ D . ? 0.16479 0.14543 0.06304 0.01568  -0.01432 -0.02534 103 PYJ A CE2   
281 C CZ    B PYJ D . ? 0.16434 0.14252 0.06048 0.01872  -0.01435 -0.02482 103 PYJ A CZ    
292 C C1    B BNZ E . ? 0.38338 0.51192 0.37565 -0.07438 -0.14767 0.15927  104 BNZ A C1    
293 C C2    B BNZ E . ? 0.39368 0.51130 0.37908 -0.07971 -0.15070 0.16192  104 BNZ A C2    
294 C C3    B BNZ E . ? 0.38710 0.51484 0.37492 -0.08136 -0.14706 0.16902  104 BNZ A C3    
295 C C4    B BNZ E . ? 0.37541 0.53908 0.36838 -0.07741 -0.13537 0.16080  104 BNZ A C4    
296 C C5    B BNZ E . ? 0.37148 0.55246 0.36777 -0.07039 -0.13172 0.14924  104 BNZ A C5    
297 C C6    B BNZ E . ? 0.37622 0.53528 0.36962 -0.07138 -0.13808 0.15102  104 BNZ A C6    
304 C C4    A IPB F . ? 0.12943 0.14196 0.04824 0.01290  -0.02274 -0.00474 105 IPB A C4    
305 C C5    A IPB F . ? 0.11254 0.13301 0.04712 0.01232  -0.02530 -0.00518 105 IPB A C5    
306 C C6    A IPB F . ? 0.12600 0.11698 0.05564 0.00644  -0.02928 -0.01239 105 IPB A C6    
307 C C1    A IPB F . ? 0.11218 0.11449 0.06053 0.00362  -0.01878 -0.01870 105 IPB A C1    
308 C C2    A IPB F . ? 0.10579 0.11818 0.04575 0.00660  -0.01203 -0.00625 105 IPB A C2    
309 C C3    A IPB F . ? 0.11833 0.15707 0.05200 0.00551  -0.02385 -0.00861 105 IPB A C3    
310 C C8    A IPB F . ? 0.14001 0.16236 0.07815 -0.00200 -0.02441 0.00743  105 IPB A C8    
311 C C9    A IPB F . ? 0.17145 0.16644 0.10888 -0.00769 -0.03960 0.00305  105 IPB A C9    
312 C C10   A IPB F . ? 0.13321 0.18944 0.09495 0.00102  -0.02302 0.01535  105 IPB A C10   
325 C CB    A PYJ G . ? 0.54209 0.40757 0.40277 0.01357  -0.01186 -0.03644 106 PYJ A CB    
326 C CX    A PYJ G . ? 0.55195 0.41595 0.40931 0.00487  -0.01570 -0.03354 106 PYJ A CX    
327 C CG    A PYJ G . ? 0.54293 0.40187 0.39585 0.02819  -0.01477 -0.04169 106 PYJ A CG    
328 C CD1   A PYJ G . ? 0.54980 0.40897 0.39680 0.03689  -0.02259 -0.04309 106 PYJ A CD1   
329 C CD2   A PYJ G . ? 0.53722 0.40165 0.39027 0.03492  -0.01324 -0.04455 106 PYJ A CD2   
330 C CE1   A PYJ G . ? 0.55000 0.42100 0.39978 0.04268  -0.02623 -0.04715 106 PYJ A CE1   
331 C CE2   A PYJ G . ? 0.53633 0.41555 0.39131 0.04271  -0.01699 -0.04777 106 PYJ A CE2   
332 C CZ    A PYJ G . ? 0.54294 0.42576 0.39779 0.04567  -0.02333 -0.04944 106 PYJ A CZ    
343 C C1    A OXE H . ? 0.25160 0.35879 0.39735 0.16265  0.06741  0.00988  107 OXE A C1    
344 C C1    B OXE H . ? 0.60844 0.65295 0.62433 0.08471  0.06398  0.03081  107 OXE A C1    
345 C C2    A OXE H . ? 0.24800 0.41676 0.40249 0.16428  0.07825  0.02425  107 OXE A C2    
346 C C2    B OXE H . ? 0.60963 0.65151 0.62305 0.08442  0.06505  0.02988  107 OXE A C2    
347 C C3    A OXE H . ? 0.22236 0.40048 0.39770 0.14836  0.07156  0.04156  107 OXE A C3    
348 C C3    B OXE H . ? 0.60895 0.64685 0.62192 0.08766  0.06610  0.02853  107 OXE A C3    
349 C C4    A OXE H . ? 0.22857 0.39907 0.40896 0.14838  0.07504  0.05729  107 OXE A C4    
350 C C4    B OXE H . ? 0.60761 0.64552 0.62374 0.08980  0.06582  0.02723  107 OXE A C4    
351 C C5    A OXE H . ? 0.23438 0.40163 0.41439 0.14826  0.07844  0.04342  107 OXE A C5    
352 C C5    B OXE H . ? 0.60671 0.64791 0.62513 0.08988  0.06550  0.02646  107 OXE A C5    
353 C C6    A OXE H . ? 0.23799 0.37993 0.40944 0.15479  0.07549  0.01761  107 OXE A C6    
354 C C6    B OXE H . ? 0.60705 0.65055 0.62500 0.08765  0.06471  0.02835  107 OXE A C6    
355 C "C1'" A OXE H . ? 0.28547 0.36321 0.40951 0.17937  0.06521  0.00230  107 OXE A "C1'" 
356 C "C1'" B OXE H . ? 0.60943 0.65269 0.62536 0.08184  0.06277  0.03416  107 OXE A "C1'" 
357 C "C2'" A OXE H . ? 0.26886 0.46930 0.40452 0.15118  0.07575  0.01177  107 OXE A "C2'" 
358 C "C2'" B OXE H . ? 0.61283 0.65580 0.62560 0.08122  0.06340  0.02982  107 OXE A "C2'" 
379 O O     A HOH I . ? 0.18491 0.11555 0.21936 -0.00098 -0.10869 0.01344  201 HOH A O     
380 O O     A HOH I . ? 0.31568 0.48091 0.18195 -0.00865 -0.03922 0.09170  202 HOH A O     
# 
